data_6ML8
#
_entry.id   6ML8
#
_cell.length_a   118.460
_cell.length_b   118.460
_cell.length_c   162.440
_cell.angle_alpha   90.000
_cell.angle_beta   90.000
_cell.angle_gamma   120.000
#
_symmetry.space_group_name_H-M   'P 3 2 1'
#
loop_
_entity.id
_entity.type
_entity.pdbx_description
1 polymer Hemagglutinin
2 polymer Hemagglutinin
3 polymer 'C05 antibody Fab heavy chain'
4 polymer 'C05 antibody Fab light chain'
5 branched alpha-D-mannopyranose-(1-3)-beta-D-mannopyranose-(1-4)-2-acetamido-2-deoxy-beta-D-glucopyranose-(1-4)-2-acetamido-2-deoxy-beta-D-glucopyranose
6 branched beta-D-mannopyranose-(1-4)-2-acetamido-2-deoxy-beta-D-glucopyranose-(1-4)-2-acetamido-2-deoxy-beta-D-glucopyranose
7 branched 2-acetamido-2-deoxy-beta-D-glucopyranose-(1-4)-2-acetamido-2-deoxy-beta-D-glucopyranose
8 water water
#
loop_
_entity_poly.entity_id
_entity_poly.type
_entity_poly.pdbx_seq_one_letter_code
_entity_poly.pdbx_strand_id
1 'polypeptide(L)'
;FAGSDTICIGYHANNSTDTVDTVLEKNVTVTHSVNLLEDSHNGKLCRLKGKAPLQLGNCNIAGWVLGNPECESLLSNRSW
SYIAETPNSENGTCYPGDFADYEELREQLSSVSSFERFEIFPKERSWPNHTTRGVTAACPHARKSSFYKNLVWLTEANGS
YPNLSRSYVNNQEKEVLVLWGVHHPSNIEEQRALYRKDNAYVSVVSSNYNRRFTPEIAKRPKVRDQSGRMNYYWTLLEPG
DTIIFEATGNLIAPWYAFALSRGPGSGIITSNAPLDECDTKCQTPQGAINSSLPFQNIHPVTIGECPKYVRSTKLRMVTG
LRNIPSVQSR
;
A
2 'polypeptide(L)'
;GLFGAIAGFIEGGWTGMMDGWYGYHHQNEQGSGYAADQKSTQNAINGITNKVNSVIEKMNTQFTAVGKEFNKLEKRMENL
NKKVDDGFMDIWTYNAELLVLLENERTLDFHDSNVKNLYEKVKNQLRNNAKELGNGCFEFYHKCDNECMESVKNGTYDYP
KYSEE
;
B
3 'polypeptide(L)'
;EVQLQESGGGLVQPGESLRLSCVGSGSSFGESTLSYYAVSWVRQAPGKGLEWLSIINAGGGDIDYADSVEGRFTISRDNS
KETLYLQMTNLRVEDTGVYYCAKHMSMQQVVSAGWERADLVGDAFDVWGQGTMVTVSSASTKGPSVFPLAPSSKSTSGGT
AALGCLVKDYFPEPVTVSWNSGALTSGVHTFPAVLQSSGLYSLSSVVTVPSSSLGTQTYICNVNHKPSNTKVDKRVEPKS
CHHHHHH
;
H
4 'polypeptide(L)'
;DIQLTQSPSSLSASVGDRVTLTCQASQDIRKFLNWYQQKPGKGPKLLIYDASNLQRGVPSRFSGGGSGTDFTLIISSLQP
EDVGTYYCQQYDGLPFTFGGGTKVVIKRTVAAPSVFIFPPSDEQLKSGTASVVCLLNNFYPREAKVQWKVDNALQSGNSQ
ESVTEQDSKDSTYSLSSTLTLSKADYEKHKVYACEVTHQGLSSPVTKSFNRGEC
;
L
#
# COMPACT_ATOMS: atom_id res chain seq x y z
N THR A 6 -81.25 -44.61 32.77
CA THR A 6 -80.95 -43.26 33.23
C THR A 6 -80.61 -42.33 32.05
N ILE A 7 -80.23 -41.10 32.37
CA ILE A 7 -79.62 -40.17 31.41
C ILE A 7 -78.70 -39.23 32.16
N CYS A 8 -77.44 -39.18 31.74
CA CYS A 8 -76.45 -38.33 32.39
C CYS A 8 -76.15 -37.10 31.54
N ILE A 9 -75.36 -36.20 32.10
CA ILE A 9 -74.84 -35.04 31.36
C ILE A 9 -73.39 -34.86 31.75
N GLY A 10 -72.49 -35.00 30.78
CA GLY A 10 -71.06 -34.99 31.07
C GLY A 10 -70.25 -34.22 30.06
N TYR A 11 -68.96 -34.51 29.96
CA TYR A 11 -68.05 -33.71 29.15
C TYR A 11 -66.97 -34.60 28.55
N HIS A 12 -66.08 -33.97 27.80
CA HIS A 12 -65.08 -34.68 27.02
C HIS A 12 -63.85 -35.00 27.85
N ALA A 13 -63.16 -36.07 27.46
CA ALA A 13 -61.89 -36.45 28.06
C ALA A 13 -61.05 -37.12 26.99
N ASN A 14 -59.73 -37.04 27.14
CA ASN A 14 -58.82 -37.47 26.10
C ASN A 14 -57.65 -38.23 26.72
N ASN A 15 -56.74 -38.67 25.85
CA ASN A 15 -55.46 -39.24 26.27
C ASN A 15 -54.32 -38.24 26.09
N SER A 16 -54.58 -36.95 26.27
CA SER A 16 -53.58 -35.92 26.05
C SER A 16 -52.75 -35.72 27.31
N THR A 17 -51.44 -35.51 27.11
CA THR A 17 -50.51 -35.32 28.20
C THR A 17 -50.34 -33.85 28.58
N ASP A 18 -50.97 -32.95 27.86
CA ASP A 18 -50.70 -31.51 28.01
C ASP A 18 -51.02 -31.03 29.42
N THR A 19 -50.04 -30.39 30.06
CA THR A 19 -50.20 -29.79 31.37
C THR A 19 -50.03 -28.28 31.26
N VAL A 20 -50.84 -27.54 32.00
CA VAL A 20 -50.75 -26.08 32.07
C VAL A 20 -50.79 -25.65 33.52
N ASP A 21 -50.50 -24.37 33.75
CA ASP A 21 -50.55 -23.78 35.07
C ASP A 21 -51.71 -22.81 35.18
N THR A 22 -52.29 -22.72 36.38
CA THR A 22 -53.37 -21.80 36.69
C THR A 22 -52.97 -20.90 37.84
N VAL A 23 -53.84 -19.92 38.13
CA VAL A 23 -53.58 -19.04 39.25
C VAL A 23 -53.91 -19.73 40.58
N LEU A 24 -54.82 -20.71 40.57
CA LEU A 24 -55.22 -21.38 41.80
C LEU A 24 -54.59 -22.75 41.98
N GLU A 25 -53.92 -23.29 40.96
CA GLU A 25 -53.35 -24.63 41.04
C GLU A 25 -52.36 -24.86 39.90
N LYS A 26 -51.19 -25.41 40.22
CA LYS A 26 -50.16 -25.63 39.22
C LYS A 26 -50.36 -26.97 38.53
N ASN A 27 -49.83 -27.06 37.31
CA ASN A 27 -49.72 -28.29 36.53
C ASN A 27 -51.05 -29.06 36.46
N VAL A 28 -52.05 -28.40 35.89
CA VAL A 28 -53.34 -29.04 35.62
C VAL A 28 -53.27 -29.69 34.25
N THR A 29 -53.58 -30.98 34.20
CA THR A 29 -53.59 -31.72 32.94
C THR A 29 -54.89 -31.44 32.19
N VAL A 30 -54.77 -31.26 30.87
CA VAL A 30 -55.79 -30.59 30.06
C VAL A 30 -56.02 -31.38 28.77
N THR A 31 -57.22 -31.20 28.20
CA THR A 31 -57.58 -31.92 26.97
C THR A 31 -56.95 -31.26 25.73
N HIS A 32 -57.11 -29.94 25.59
CA HIS A 32 -56.65 -29.22 24.41
C HIS A 32 -55.95 -27.94 24.83
N SER A 33 -54.85 -27.62 24.16
CA SER A 33 -54.11 -26.41 24.48
C SER A 33 -53.42 -25.90 23.22
N VAL A 34 -52.99 -24.63 23.28
CA VAL A 34 -52.21 -23.99 22.24
C VAL A 34 -51.06 -23.22 22.88
N ASN A 35 -49.96 -23.11 22.14
CA ASN A 35 -48.76 -22.45 22.62
C ASN A 35 -48.80 -20.97 22.29
N LEU A 36 -48.29 -20.14 23.19
CA LEU A 36 -48.12 -18.72 22.97
C LEU A 36 -46.67 -18.31 22.88
N LEU A 37 -45.74 -19.24 23.07
CA LEU A 37 -44.33 -18.91 23.26
C LEU A 37 -43.51 -19.53 22.12
N GLU A 38 -42.91 -18.66 21.30
CA GLU A 38 -41.96 -19.15 20.30
C GLU A 38 -40.68 -19.58 21.00
N ASP A 39 -40.46 -20.89 21.09
CA ASP A 39 -39.29 -21.41 21.77
C ASP A 39 -38.18 -21.84 20.82
N SER A 40 -38.47 -22.03 19.53
CA SER A 40 -37.50 -22.54 18.58
C SER A 40 -37.15 -21.49 17.53
N HIS A 41 -35.93 -21.60 16.99
CA HIS A 41 -35.47 -20.78 15.87
C HIS A 41 -34.90 -21.69 14.79
N ASN A 42 -34.73 -21.14 13.58
CA ASN A 42 -34.44 -21.96 12.42
C ASN A 42 -32.95 -22.09 12.11
N GLY A 43 -32.10 -21.37 12.84
CA GLY A 43 -30.67 -21.54 12.69
C GLY A 43 -30.06 -21.00 11.42
N LYS A 44 -30.76 -20.15 10.68
CA LYS A 44 -30.28 -19.66 9.40
C LYS A 44 -30.56 -18.16 9.28
N LEU A 45 -29.65 -17.45 8.61
CA LEU A 45 -29.87 -16.05 8.28
C LEU A 45 -30.83 -15.96 7.09
N CYS A 46 -31.96 -15.29 7.27
CA CYS A 46 -32.97 -15.23 6.22
C CYS A 46 -33.09 -13.81 5.67
N ARG A 47 -33.76 -13.71 4.52
CA ARG A 47 -34.04 -12.41 3.91
C ARG A 47 -35.11 -11.68 4.71
N LEU A 48 -34.92 -10.38 4.87
CA LEU A 48 -35.83 -9.52 5.61
C LEU A 48 -36.38 -8.46 4.66
N LYS A 49 -37.71 -8.32 4.65
CA LYS A 49 -38.38 -7.35 3.78
C LYS A 49 -38.00 -7.54 2.30
N GLY A 50 -37.82 -8.81 1.90
CA GLY A 50 -37.50 -9.13 0.53
C GLY A 50 -36.04 -8.96 0.12
N LYS A 51 -35.20 -8.46 1.02
CA LYS A 51 -33.78 -8.24 0.74
C LYS A 51 -32.94 -9.21 1.55
N ALA A 52 -31.85 -9.67 0.96
CA ALA A 52 -30.85 -10.43 1.71
C ALA A 52 -29.90 -9.47 2.45
N PRO A 53 -29.36 -9.90 3.58
CA PRO A 53 -28.43 -9.03 4.31
C PRO A 53 -27.10 -8.90 3.59
N LEU A 54 -26.42 -7.78 3.83
CA LEU A 54 -25.04 -7.63 3.39
C LEU A 54 -24.17 -8.45 4.33
N GLN A 55 -23.46 -9.43 3.77
CA GLN A 55 -22.58 -10.31 4.52
C GLN A 55 -21.13 -9.86 4.34
N LEU A 56 -20.49 -9.45 5.44
CA LEU A 56 -19.13 -8.93 5.38
C LEU A 56 -18.05 -9.99 5.55
N GLY A 57 -18.39 -11.14 6.14
CA GLY A 57 -17.42 -12.22 6.20
C GLY A 57 -16.32 -11.94 7.18
N ASN A 58 -15.07 -12.16 6.74
CA ASN A 58 -13.92 -11.92 7.61
C ASN A 58 -13.61 -10.45 7.78
N CYS A 59 -14.45 -9.57 7.26
CA CYS A 59 -14.29 -8.13 7.38
C CYS A 59 -15.38 -7.55 8.26
N ASN A 60 -15.11 -6.37 8.80
CA ASN A 60 -16.15 -5.56 9.44
C ASN A 60 -16.41 -4.34 8.58
N ILE A 61 -17.42 -3.56 8.99
CA ILE A 61 -17.87 -2.41 8.19
C ILE A 61 -16.72 -1.47 7.92
N ALA A 62 -15.89 -1.20 8.93
CA ALA A 62 -14.69 -0.40 8.73
C ALA A 62 -13.85 -0.95 7.57
N GLY A 63 -13.57 -2.26 7.59
CA GLY A 63 -12.74 -2.84 6.54
C GLY A 63 -13.42 -2.81 5.18
N TRP A 64 -14.72 -3.05 5.16
CA TRP A 64 -15.43 -3.12 3.89
C TRP A 64 -15.50 -1.76 3.21
N VAL A 65 -15.87 -0.72 3.95
CA VAL A 65 -16.07 0.58 3.30
C VAL A 65 -14.76 1.27 2.95
N LEU A 66 -13.65 0.88 3.58
CA LEU A 66 -12.35 1.46 3.25
C LEU A 66 -11.65 0.73 2.12
N GLY A 67 -12.05 -0.50 1.84
CA GLY A 67 -11.39 -1.28 0.81
C GLY A 67 -10.20 -2.00 1.36
N ASN A 68 -10.31 -2.48 2.59
CA ASN A 68 -9.30 -3.37 3.15
C ASN A 68 -9.07 -4.52 2.18
N PRO A 69 -7.84 -4.77 1.76
CA PRO A 69 -7.61 -5.74 0.68
C PRO A 69 -8.06 -7.15 1.00
N GLU A 70 -8.38 -7.46 2.25
CA GLU A 70 -8.97 -8.75 2.61
C GLU A 70 -10.48 -8.77 2.46
N CYS A 71 -11.09 -7.68 2.00
CA CYS A 71 -12.52 -7.60 1.79
C CYS A 71 -12.84 -7.76 0.31
N GLU A 72 -13.93 -8.48 0.02
CA GLU A 72 -14.38 -8.64 -1.34
C GLU A 72 -15.01 -7.34 -1.82
N SER A 73 -14.57 -6.84 -2.97
CA SER A 73 -15.13 -5.60 -3.47
C SER A 73 -16.52 -5.83 -4.06
N LEU A 74 -17.33 -4.79 -4.07
CA LEU A 74 -18.71 -4.91 -4.52
C LEU A 74 -18.78 -4.86 -6.04
N LEU A 75 -19.50 -5.82 -6.62
CA LEU A 75 -19.53 -5.97 -8.07
C LEU A 75 -20.70 -5.19 -8.69
N SER A 76 -21.92 -5.50 -8.29
CA SER A 76 -23.09 -4.80 -8.79
C SER A 76 -23.64 -3.85 -7.73
N ASN A 77 -24.62 -3.05 -8.15
CA ASN A 77 -25.40 -2.28 -7.18
C ASN A 77 -26.21 -3.23 -6.32
N ARG A 78 -26.30 -2.92 -5.04
CA ARG A 78 -26.94 -3.81 -4.09
C ARG A 78 -27.95 -3.04 -3.26
N SER A 79 -28.94 -3.78 -2.76
CA SER A 79 -29.79 -3.37 -1.67
C SER A 79 -29.59 -4.37 -0.54
N TRP A 80 -29.85 -3.95 0.69
CA TRP A 80 -29.88 -4.92 1.78
C TRP A 80 -30.71 -4.37 2.92
N SER A 81 -31.32 -5.29 3.67
CA SER A 81 -32.21 -4.95 4.75
C SER A 81 -31.52 -4.90 6.11
N TYR A 82 -30.38 -5.57 6.26
CA TYR A 82 -29.56 -5.46 7.45
C TYR A 82 -28.16 -5.95 7.10
N ILE A 83 -27.25 -5.85 8.06
CA ILE A 83 -25.85 -6.22 7.86
C ILE A 83 -25.52 -7.37 8.79
N ALA A 84 -24.81 -8.37 8.27
CA ALA A 84 -24.41 -9.53 9.03
C ALA A 84 -22.89 -9.57 9.17
N GLU A 85 -22.41 -9.52 10.42
CA GLU A 85 -21.00 -9.73 10.73
C GLU A 85 -20.82 -11.07 11.43
N THR A 86 -19.58 -11.51 11.47
CA THR A 86 -19.27 -12.78 12.10
C THR A 86 -18.41 -12.57 13.33
N PRO A 87 -18.42 -13.49 14.29
CA PRO A 87 -17.58 -13.33 15.48
C PRO A 87 -16.10 -13.18 15.16
N ASN A 88 -15.66 -13.59 13.98
CA ASN A 88 -14.26 -13.46 13.61
C ASN A 88 -14.13 -12.55 12.39
N SER A 89 -14.69 -11.35 12.49
CA SER A 89 -14.59 -10.34 11.45
C SER A 89 -13.62 -9.26 11.93
N GLU A 90 -12.33 -9.59 11.94
CA GLU A 90 -11.34 -8.72 12.53
C GLU A 90 -10.74 -7.71 11.55
N ASN A 91 -10.91 -7.91 10.25
CA ASN A 91 -10.23 -7.09 9.23
C ASN A 91 -10.94 -5.76 9.06
N GLY A 92 -10.37 -4.72 9.69
CA GLY A 92 -10.90 -3.38 9.62
C GLY A 92 -9.90 -2.36 9.11
N THR A 93 -9.26 -1.62 10.02
CA THR A 93 -8.24 -0.63 9.66
C THR A 93 -6.87 -1.29 9.76
N CYS A 94 -6.33 -1.73 8.62
CA CYS A 94 -5.04 -2.41 8.67
C CYS A 94 -3.93 -1.45 9.06
N TYR A 95 -4.00 -0.19 8.60
CA TYR A 95 -3.12 0.84 9.13
C TYR A 95 -3.79 1.49 10.34
N PRO A 96 -3.18 1.43 11.52
CA PRO A 96 -3.92 1.73 12.75
C PRO A 96 -4.33 3.19 12.86
N GLY A 97 -5.37 3.42 13.65
CA GLY A 97 -5.87 4.77 13.85
C GLY A 97 -7.32 4.73 14.28
N ASP A 98 -7.86 5.93 14.50
CA ASP A 98 -9.22 6.11 14.97
C ASP A 98 -10.15 6.35 13.79
N PHE A 99 -11.30 5.69 13.81
CA PHE A 99 -12.36 5.88 12.81
C PHE A 99 -13.42 6.80 13.41
N ALA A 100 -13.55 7.99 12.85
CA ALA A 100 -14.48 8.97 13.39
C ALA A 100 -15.91 8.48 13.25
N ASP A 101 -16.71 8.72 14.30
CA ASP A 101 -18.14 8.41 14.31
C ASP A 101 -18.43 7.03 13.72
N TYR A 102 -17.71 6.02 14.22
CA TYR A 102 -17.82 4.68 13.67
C TYR A 102 -19.20 4.09 13.87
N GLU A 103 -19.65 4.00 15.13
CA GLU A 103 -20.96 3.41 15.40
C GLU A 103 -22.07 4.11 14.63
N GLU A 104 -22.03 5.45 14.60
CA GLU A 104 -23.05 6.19 13.86
C GLU A 104 -23.10 5.74 12.41
N LEU A 105 -21.94 5.64 11.77
CA LEU A 105 -21.91 5.22 10.38
C LEU A 105 -22.49 3.82 10.21
N ARG A 106 -22.13 2.90 11.10
CA ARG A 106 -22.68 1.54 11.02
C ARG A 106 -24.20 1.57 11.06
N GLU A 107 -24.76 2.32 12.00
CA GLU A 107 -26.22 2.40 12.12
C GLU A 107 -26.85 2.96 10.85
N GLN A 108 -26.18 3.94 10.24
CA GLN A 108 -26.77 4.62 9.08
C GLN A 108 -26.66 3.78 7.81
N LEU A 109 -25.77 2.79 7.80
CA LEU A 109 -25.57 1.91 6.67
C LEU A 109 -26.32 0.57 6.79
N SER A 110 -27.07 0.38 7.87
CA SER A 110 -27.70 -0.91 8.11
C SER A 110 -28.79 -1.23 7.09
N SER A 111 -29.41 -0.22 6.50
CA SER A 111 -30.49 -0.43 5.54
C SER A 111 -30.37 0.58 4.41
N VAL A 112 -30.29 0.08 3.18
CA VAL A 112 -30.15 0.91 1.99
C VAL A 112 -31.18 0.51 0.96
N SER A 113 -31.84 1.49 0.35
CA SER A 113 -32.70 1.20 -0.80
C SER A 113 -31.85 0.78 -2.00
N SER A 114 -30.76 1.50 -2.24
CA SER A 114 -29.81 1.14 -3.29
C SER A 114 -28.42 1.53 -2.82
N PHE A 115 -27.41 0.98 -3.49
CA PHE A 115 -26.03 1.18 -3.07
C PHE A 115 -25.07 0.76 -4.17
N GLU A 116 -24.27 1.70 -4.70
CA GLU A 116 -23.29 1.37 -5.71
C GLU A 116 -22.05 2.22 -5.50
N ARG A 117 -20.90 1.66 -5.91
CA ARG A 117 -19.60 2.27 -5.68
C ARG A 117 -19.01 2.74 -7.01
N PHE A 118 -18.37 3.90 -6.98
CA PHE A 118 -17.93 4.57 -8.19
C PHE A 118 -16.62 5.30 -7.92
N GLU A 119 -15.87 5.57 -8.99
CA GLU A 119 -14.55 6.18 -8.87
C GLU A 119 -14.72 7.69 -8.76
N ILE A 120 -14.66 8.22 -7.54
CA ILE A 120 -14.85 9.64 -7.34
C ILE A 120 -13.64 10.42 -7.83
N PHE A 121 -12.43 9.95 -7.52
CA PHE A 121 -11.19 10.61 -7.91
C PHE A 121 -10.29 9.56 -8.55
N PRO A 122 -10.39 9.38 -9.86
CA PRO A 122 -9.57 8.37 -10.53
C PRO A 122 -8.09 8.60 -10.30
N LYS A 123 -7.45 7.60 -9.69
CA LYS A 123 -6.12 7.67 -9.11
C LYS A 123 -5.11 8.46 -9.95
N GLU A 124 -4.69 7.91 -11.08
CA GLU A 124 -3.60 8.53 -11.83
C GLU A 124 -4.03 9.85 -12.46
N ARG A 125 -5.27 9.95 -12.93
CA ARG A 125 -5.71 11.17 -13.59
C ARG A 125 -5.96 12.31 -12.60
N SER A 126 -6.33 11.99 -11.36
CA SER A 126 -6.74 13.03 -10.42
C SER A 126 -5.55 13.71 -9.75
N TRP A 127 -4.41 13.02 -9.64
CA TRP A 127 -3.27 13.53 -8.88
C TRP A 127 -2.00 13.49 -9.72
N PRO A 128 -1.93 14.28 -10.79
CA PRO A 128 -0.74 14.22 -11.66
C PRO A 128 0.53 14.66 -10.97
N ASN A 129 0.43 15.57 -10.00
CA ASN A 129 1.60 16.21 -9.43
C ASN A 129 2.00 15.62 -8.07
N HIS A 130 1.33 14.57 -7.61
CA HIS A 130 1.72 13.85 -6.41
C HIS A 130 1.95 12.38 -6.74
N THR A 131 2.63 11.68 -5.83
CA THR A 131 2.83 10.25 -5.96
C THR A 131 1.64 9.51 -5.38
N THR A 132 1.11 8.54 -6.15
CA THR A 132 -0.08 7.82 -5.74
C THR A 132 0.17 6.36 -5.40
N ARG A 133 1.31 5.81 -5.80
CA ARG A 133 1.59 4.39 -5.62
C ARG A 133 2.10 4.05 -4.22
N GLY A 134 1.61 4.71 -3.19
CA GLY A 134 2.03 4.37 -1.83
C GLY A 134 1.33 3.12 -1.32
N VAL A 135 2.10 2.26 -0.65
CA VAL A 135 1.61 1.02 -0.08
C VAL A 135 2.30 0.80 1.25
N THR A 136 1.77 -0.11 2.04
CA THR A 136 2.29 -0.31 3.38
C THR A 136 2.32 -1.78 3.72
N ALA A 137 3.33 -2.18 4.50
CA ALA A 137 3.37 -3.55 4.99
C ALA A 137 2.24 -3.83 5.98
N ALA A 138 1.65 -2.77 6.55
CA ALA A 138 0.52 -2.93 7.45
C ALA A 138 -0.73 -3.45 6.75
N CYS A 139 -0.86 -3.24 5.44
CA CYS A 139 -2.05 -3.61 4.67
C CYS A 139 -1.66 -4.54 3.55
N PRO A 140 -1.23 -5.76 3.85
CA PRO A 140 -0.75 -6.66 2.80
C PRO A 140 -1.87 -7.41 2.11
N HIS A 141 -1.77 -7.46 0.77
N HIS A 141 -2.06 -7.15 0.81
CA HIS A 141 -2.57 -8.35 -0.06
CA HIS A 141 -3.18 -7.77 0.11
C HIS A 141 -1.67 -9.11 -1.01
C HIS A 141 -2.91 -9.25 -0.14
N ALA A 142 -1.87 -10.44 -1.08
N ALA A 142 -1.89 -9.53 -0.92
CA ALA A 142 -1.22 -11.32 -2.06
CA ALA A 142 -1.42 -10.88 -1.11
C ALA A 142 0.30 -11.30 -1.89
C ALA A 142 -0.23 -11.11 -0.20
N ARG A 143 0.73 -11.83 -0.74
CA ARG A 143 2.08 -11.81 -0.21
C ARG A 143 2.62 -10.38 -0.14
N LYS A 144 2.59 -9.65 -1.26
CA LYS A 144 3.12 -8.30 -1.33
C LYS A 144 2.30 -7.34 -0.46
N SER A 145 2.86 -6.16 -0.20
CA SER A 145 2.26 -5.18 0.69
C SER A 145 1.55 -4.10 -0.12
N SER A 146 0.30 -3.82 0.24
CA SER A 146 -0.47 -2.85 -0.53
C SER A 146 -1.19 -1.86 0.37
N PHE A 147 -2.46 -1.57 0.09
CA PHE A 147 -3.15 -0.47 0.73
C PHE A 147 -4.66 -0.65 0.56
N TYR A 148 -5.41 0.33 1.04
CA TYR A 148 -6.86 0.31 0.88
C TYR A 148 -7.23 0.38 -0.60
N LYS A 149 -8.34 -0.26 -0.94
CA LYS A 149 -8.80 -0.26 -2.33
C LYS A 149 -9.56 1.00 -2.70
N ASN A 150 -10.03 1.77 -1.71
CA ASN A 150 -10.85 2.95 -1.97
C ASN A 150 -10.14 4.25 -1.61
N LEU A 151 -8.84 4.20 -1.32
CA LEU A 151 -8.11 5.39 -0.93
C LEU A 151 -6.78 5.44 -1.65
N VAL A 152 -6.09 6.58 -1.52
CA VAL A 152 -4.77 6.77 -2.10
C VAL A 152 -3.90 7.48 -1.07
N TRP A 153 -2.76 6.89 -0.75
CA TRP A 153 -1.76 7.54 0.12
C TRP A 153 -0.93 8.46 -0.76
N LEU A 154 -1.40 9.69 -0.94
CA LEU A 154 -0.65 10.69 -1.69
C LEU A 154 0.60 11.13 -0.93
N THR A 155 1.69 11.27 -1.67
CA THR A 155 2.98 11.62 -1.09
C THR A 155 3.73 12.52 -2.05
N GLU A 156 4.88 13.01 -1.58
CA GLU A 156 5.75 13.87 -2.37
C GLU A 156 6.06 13.28 -3.75
N ALA A 157 6.20 14.16 -4.73
CA ALA A 157 6.65 13.80 -6.07
C ALA A 157 7.69 14.80 -6.52
N ASN A 158 8.87 14.31 -6.92
CA ASN A 158 9.99 15.15 -7.33
C ASN A 158 10.37 16.14 -6.23
N GLY A 159 10.40 15.67 -4.99
CA GLY A 159 10.80 16.50 -3.88
C GLY A 159 9.85 17.64 -3.58
N SER A 160 8.57 17.48 -3.91
CA SER A 160 7.60 18.55 -3.76
C SER A 160 6.21 17.96 -3.54
N TYR A 161 5.46 18.52 -2.60
CA TYR A 161 4.06 18.16 -2.38
C TYR A 161 3.24 19.39 -2.75
N PRO A 162 2.89 19.57 -4.01
CA PRO A 162 2.19 20.78 -4.42
C PRO A 162 0.89 20.97 -3.68
N ASN A 163 0.43 22.21 -3.64
CA ASN A 163 -0.87 22.49 -3.05
C ASN A 163 -1.96 21.76 -3.82
N LEU A 164 -2.97 21.30 -3.08
CA LEU A 164 -3.95 20.35 -3.58
C LEU A 164 -5.34 20.94 -3.37
N SER A 165 -6.18 20.87 -4.41
CA SER A 165 -7.55 21.35 -4.33
C SER A 165 -8.40 20.61 -5.36
N ARG A 166 -9.20 19.66 -4.89
CA ARG A 166 -10.05 18.83 -5.73
C ARG A 166 -11.50 18.95 -5.29
N SER A 167 -12.39 19.21 -6.26
CA SER A 167 -13.82 19.30 -5.98
C SER A 167 -14.54 18.12 -6.60
N TYR A 168 -15.68 17.77 -6.00
CA TYR A 168 -16.56 16.76 -6.56
C TYR A 168 -18.01 17.20 -6.41
N VAL A 169 -18.70 17.39 -7.53
CA VAL A 169 -20.12 17.72 -7.51
C VAL A 169 -20.93 16.43 -7.52
N ASN A 170 -21.75 16.24 -6.48
CA ASN A 170 -22.61 15.06 -6.37
C ASN A 170 -23.74 15.16 -7.36
N ASN A 171 -23.58 14.49 -8.50
CA ASN A 171 -24.57 14.44 -9.56
C ASN A 171 -25.31 13.11 -9.60
N GLN A 172 -25.41 12.43 -8.45
CA GLN A 172 -25.98 11.09 -8.40
C GLN A 172 -27.46 11.08 -8.04
N GLU A 173 -28.05 12.23 -7.74
CA GLU A 173 -29.44 12.29 -7.26
C GLU A 173 -29.66 11.41 -6.03
N LYS A 174 -28.58 11.08 -5.34
CA LYS A 174 -28.59 10.27 -4.12
C LYS A 174 -27.52 10.82 -3.21
N GLU A 175 -27.54 10.37 -1.96
CA GLU A 175 -26.42 10.65 -1.08
C GLU A 175 -25.17 9.93 -1.59
N VAL A 176 -24.03 10.61 -1.49
CA VAL A 176 -22.74 10.00 -1.74
C VAL A 176 -21.98 9.95 -0.42
N LEU A 177 -21.51 8.76 -0.05
CA LEU A 177 -20.65 8.61 1.12
C LEU A 177 -19.20 8.74 0.70
N VAL A 178 -18.52 9.75 1.22
CA VAL A 178 -17.10 9.98 0.97
C VAL A 178 -16.33 9.65 2.25
N LEU A 179 -15.22 8.93 2.08
CA LEU A 179 -14.32 8.65 3.20
C LEU A 179 -12.91 9.08 2.82
N TRP A 180 -12.11 9.38 3.83
CA TRP A 180 -10.75 9.86 3.61
C TRP A 180 -9.96 9.64 4.88
N GLY A 181 -8.68 10.02 4.84
CA GLY A 181 -7.81 9.81 5.97
C GLY A 181 -6.76 10.89 6.05
N VAL A 182 -6.23 11.07 7.26
CA VAL A 182 -5.14 11.99 7.53
C VAL A 182 -4.03 11.21 8.19
N HIS A 183 -2.82 11.29 7.65
CA HIS A 183 -1.68 10.50 8.13
C HIS A 183 -0.85 11.30 9.13
N HIS A 184 -0.61 10.72 10.31
CA HIS A 184 0.18 11.33 11.37
C HIS A 184 1.48 10.57 11.53
N PRO A 185 2.59 11.06 10.98
CA PRO A 185 3.88 10.39 11.17
C PRO A 185 4.27 10.31 12.64
N SER A 186 5.33 9.57 12.90
CA SER A 186 5.81 9.40 14.26
C SER A 186 6.94 10.33 14.62
N ASN A 187 7.70 10.81 13.63
CA ASN A 187 8.72 11.81 13.88
C ASN A 187 8.75 12.81 12.74
N ILE A 188 9.44 13.93 12.96
CA ILE A 188 9.44 14.99 11.97
C ILE A 188 10.20 14.58 10.71
N GLU A 189 11.15 13.67 10.84
CA GLU A 189 11.90 13.27 9.65
C GLU A 189 11.01 12.45 8.71
N GLU A 190 10.12 11.63 9.27
CA GLU A 190 9.14 10.94 8.42
C GLU A 190 8.25 11.96 7.71
N GLN A 191 7.88 13.04 8.40
CA GLN A 191 7.06 14.07 7.79
C GLN A 191 7.76 14.70 6.60
N ARG A 192 9.03 15.11 6.81
CA ARG A 192 9.78 15.79 5.77
C ARG A 192 10.04 14.87 4.58
N ALA A 193 10.28 13.59 4.83
CA ALA A 193 10.61 12.70 3.72
C ALA A 193 9.39 12.45 2.84
N LEU A 194 8.21 12.33 3.45
CA LEU A 194 7.00 12.00 2.71
C LEU A 194 6.30 13.21 2.10
N TYR A 195 6.37 14.38 2.74
CA TYR A 195 5.59 15.53 2.27
C TYR A 195 6.37 16.83 2.12
N ARG A 196 7.62 16.92 2.58
CA ARG A 196 8.49 18.09 2.41
C ARG A 196 7.92 19.37 3.04
N LYS A 197 7.13 19.24 4.10
CA LYS A 197 6.68 20.38 4.88
C LYS A 197 6.69 20.01 6.35
N ASP A 198 7.18 20.90 7.20
CA ASP A 198 7.07 20.60 8.63
C ASP A 198 5.64 20.78 9.12
N ASN A 199 4.84 21.59 8.43
CA ASN A 199 3.50 21.95 8.89
C ASN A 199 2.51 21.85 7.74
N ALA A 200 1.77 20.74 7.71
CA ALA A 200 0.74 20.50 6.70
C ALA A 200 -0.62 20.66 7.35
N TYR A 201 -1.67 20.52 6.54
CA TYR A 201 -3.06 20.58 7.00
C TYR A 201 -3.96 20.04 5.91
N VAL A 202 -5.08 19.46 6.32
CA VAL A 202 -6.11 19.00 5.39
C VAL A 202 -7.39 19.75 5.69
N SER A 203 -8.09 20.16 4.64
CA SER A 203 -9.41 20.74 4.77
C SER A 203 -10.39 19.97 3.90
N VAL A 204 -11.53 19.61 4.49
CA VAL A 204 -12.64 19.01 3.74
C VAL A 204 -13.87 19.84 4.05
N VAL A 205 -14.52 20.35 3.00
CA VAL A 205 -15.60 21.32 3.17
C VAL A 205 -16.69 21.08 2.13
N SER A 206 -17.94 21.14 2.59
CA SER A 206 -19.10 21.02 1.71
C SER A 206 -20.08 22.13 2.08
N SER A 207 -21.35 21.93 1.77
CA SER A 207 -22.35 22.93 2.15
C SER A 207 -22.69 22.88 3.64
N ASN A 208 -22.55 21.70 4.27
CA ASN A 208 -22.89 21.53 5.67
C ASN A 208 -21.83 20.72 6.41
N TYR A 209 -20.63 20.62 5.85
CA TYR A 209 -19.51 19.97 6.50
C TYR A 209 -18.28 20.85 6.29
N ASN A 210 -17.55 21.14 7.37
CA ASN A 210 -16.18 21.62 7.18
C ASN A 210 -15.36 21.35 8.42
N ARG A 211 -14.31 20.53 8.25
CA ARG A 211 -13.32 20.28 9.28
C ARG A 211 -11.93 20.56 8.71
N ARG A 212 -11.06 21.05 9.57
CA ARG A 212 -9.64 21.15 9.28
C ARG A 212 -8.89 20.11 10.10
N PHE A 213 -7.97 19.40 9.45
CA PHE A 213 -7.21 18.33 10.07
C PHE A 213 -5.74 18.71 10.05
N THR A 214 -5.14 18.78 11.23
CA THR A 214 -3.73 19.08 11.35
C THR A 214 -3.00 17.83 11.83
N PRO A 215 -1.88 17.47 11.21
CA PRO A 215 -1.16 16.29 11.68
C PRO A 215 -0.47 16.57 13.00
N GLU A 216 -0.46 15.56 13.85
CA GLU A 216 0.10 15.68 15.20
C GLU A 216 1.09 14.53 15.37
N ILE A 217 2.36 14.90 15.54
CA ILE A 217 3.48 13.98 15.43
C ILE A 217 4.02 13.71 16.82
N ALA A 218 3.99 12.44 17.24
CA ALA A 218 4.49 12.06 18.55
C ALA A 218 5.01 10.62 18.49
N LYS A 219 5.79 10.26 19.52
CA LYS A 219 6.16 8.87 19.71
C LYS A 219 4.96 8.10 20.25
N ARG A 220 4.59 7.03 19.56
CA ARG A 220 3.43 6.22 19.90
C ARG A 220 3.85 4.77 19.99
N PRO A 221 3.11 3.94 20.72
CA PRO A 221 3.36 2.50 20.68
C PRO A 221 2.95 1.95 19.33
N LYS A 222 3.66 0.90 18.91
CA LYS A 222 3.37 0.30 17.61
C LYS A 222 2.04 -0.45 17.66
N VAL A 223 1.31 -0.40 16.55
CA VAL A 223 0.12 -1.21 16.34
C VAL A 223 0.18 -1.74 14.91
N ARG A 224 0.08 -3.07 14.76
CA ARG A 224 0.41 -3.72 13.50
C ARG A 224 1.75 -3.19 13.00
N ASP A 225 2.71 -3.17 13.94
CA ASP A 225 4.08 -2.78 13.72
C ASP A 225 4.22 -1.36 13.15
N GLN A 226 3.23 -0.51 13.39
CA GLN A 226 3.28 0.87 12.93
C GLN A 226 3.17 1.82 14.11
N SER A 227 4.14 2.72 14.23
CA SER A 227 4.06 3.79 15.21
C SER A 227 3.23 4.95 14.69
N GLY A 228 3.16 5.10 13.38
CA GLY A 228 2.32 6.11 12.80
C GLY A 228 0.86 5.74 12.96
N ARG A 229 0.00 6.66 12.53
CA ARG A 229 -1.44 6.47 12.61
C ARG A 229 -2.09 7.12 11.40
N MET A 230 -3.25 6.58 11.02
CA MET A 230 -4.10 7.17 9.99
C MET A 230 -5.50 7.28 10.58
N ASN A 231 -5.97 8.51 10.76
CA ASN A 231 -7.32 8.76 11.23
C ASN A 231 -8.28 8.80 10.03
N TYR A 232 -9.40 8.09 10.16
CA TYR A 232 -10.35 7.92 9.08
C TYR A 232 -11.61 8.72 9.37
N TYR A 233 -12.15 9.36 8.33
CA TYR A 233 -13.28 10.26 8.45
C TYR A 233 -14.26 10.00 7.32
N TRP A 234 -15.48 10.53 7.46
CA TRP A 234 -16.52 10.29 6.47
C TRP A 234 -17.62 11.34 6.57
N THR A 235 -18.32 11.55 5.45
CA THR A 235 -19.49 12.40 5.42
C THR A 235 -20.43 11.94 4.30
N LEU A 236 -21.69 12.30 4.42
CA LEU A 236 -22.70 11.97 3.41
C LEU A 236 -23.00 13.22 2.60
N LEU A 237 -22.33 13.35 1.47
CA LEU A 237 -22.57 14.48 0.58
C LEU A 237 -23.96 14.38 -0.02
N GLU A 238 -24.79 15.40 0.21
CA GLU A 238 -26.18 15.37 -0.24
C GLU A 238 -26.27 15.58 -1.75
N PRO A 239 -27.36 15.09 -2.37
CA PRO A 239 -27.51 15.21 -3.83
C PRO A 239 -27.48 16.66 -4.29
N GLY A 240 -26.56 16.96 -5.20
CA GLY A 240 -26.35 18.30 -5.69
C GLY A 240 -25.22 19.03 -5.01
N ASP A 241 -24.85 18.63 -3.79
CA ASP A 241 -23.82 19.34 -3.07
C ASP A 241 -22.43 18.95 -3.58
N THR A 242 -21.47 19.80 -3.28
CA THR A 242 -20.09 19.64 -3.70
C THR A 242 -19.21 19.54 -2.48
N ILE A 243 -18.25 18.62 -2.51
CA ILE A 243 -17.25 18.49 -1.46
C ILE A 243 -15.90 18.90 -2.04
N ILE A 244 -15.09 19.59 -1.24
CA ILE A 244 -13.81 20.13 -1.71
C ILE A 244 -12.72 19.69 -0.75
N PHE A 245 -11.69 19.05 -1.30
CA PHE A 245 -10.50 18.62 -0.56
C PHE A 245 -9.35 19.58 -0.84
N GLU A 246 -8.75 20.14 0.21
CA GLU A 246 -7.56 20.97 0.08
C GLU A 246 -6.53 20.49 1.09
N ALA A 247 -5.31 20.21 0.61
CA ALA A 247 -4.29 19.64 1.46
C ALA A 247 -2.92 20.19 1.13
N THR A 248 -2.11 20.37 2.17
CA THR A 248 -0.70 20.68 2.08
C THR A 248 0.16 19.44 2.27
N GLY A 249 -0.41 18.39 2.86
CA GLY A 249 0.26 17.13 3.03
C GLY A 249 -0.64 16.20 3.83
N ASN A 250 -0.17 14.98 4.02
CA ASN A 250 -0.76 14.06 4.98
C ASN A 250 -2.18 13.61 4.59
N LEU A 251 -2.66 13.95 3.40
CA LEU A 251 -4.02 13.58 3.01
C LEU A 251 -4.03 12.17 2.44
N ILE A 252 -4.87 11.32 3.01
CA ILE A 252 -5.21 10.04 2.40
C ILE A 252 -6.46 10.27 1.58
N ALA A 253 -6.27 10.50 0.29
CA ALA A 253 -7.32 11.01 -0.58
C ALA A 253 -8.33 9.93 -0.91
N PRO A 254 -9.59 10.31 -1.14
CA PRO A 254 -10.57 9.34 -1.61
C PRO A 254 -10.25 8.93 -3.03
N TRP A 255 -10.58 7.68 -3.34
CA TRP A 255 -10.46 7.13 -4.68
C TRP A 255 -11.79 6.60 -5.18
N TYR A 256 -12.43 5.72 -4.41
CA TYR A 256 -13.78 5.26 -4.69
C TYR A 256 -14.69 5.72 -3.56
N ALA A 257 -15.92 6.08 -3.92
CA ALA A 257 -16.96 6.45 -2.96
C ALA A 257 -18.24 5.71 -3.34
N PHE A 258 -19.28 5.91 -2.54
CA PHE A 258 -20.51 5.11 -2.62
C PHE A 258 -21.72 6.01 -2.83
N ALA A 259 -22.53 5.69 -3.84
CA ALA A 259 -23.81 6.31 -4.08
C ALA A 259 -24.90 5.43 -3.48
N LEU A 260 -25.62 5.95 -2.50
CA LEU A 260 -26.58 5.14 -1.77
C LEU A 260 -27.85 5.92 -1.45
N SER A 261 -28.93 5.19 -1.28
CA SER A 261 -30.18 5.70 -0.72
C SER A 261 -30.49 4.93 0.55
N ARG A 262 -30.59 5.64 1.67
CA ARG A 262 -30.78 4.98 2.96
C ARG A 262 -32.19 4.40 3.08
N GLY A 263 -32.26 3.23 3.71
CA GLY A 263 -33.51 2.56 3.93
C GLY A 263 -34.16 3.02 5.22
N PRO A 264 -35.29 2.38 5.57
CA PRO A 264 -36.05 2.83 6.76
C PRO A 264 -35.28 2.76 8.06
N GLY A 265 -34.28 1.89 8.19
CA GLY A 265 -33.48 1.91 9.40
C GLY A 265 -33.43 0.58 10.11
N SER A 266 -32.24 0.01 10.20
CA SER A 266 -32.10 -1.37 10.66
C SER A 266 -30.94 -1.52 11.64
N GLY A 267 -30.19 -2.61 11.53
CA GLY A 267 -29.09 -2.86 12.45
C GLY A 267 -28.19 -3.98 11.98
N ILE A 268 -27.21 -4.31 12.85
CA ILE A 268 -26.19 -5.32 12.58
C ILE A 268 -26.52 -6.60 13.35
N ILE A 269 -26.41 -7.74 12.67
CA ILE A 269 -26.50 -9.06 13.28
C ILE A 269 -25.12 -9.69 13.28
N THR A 270 -24.71 -10.24 14.44
CA THR A 270 -23.41 -10.90 14.58
C THR A 270 -23.64 -12.39 14.79
N SER A 271 -23.21 -13.20 13.84
CA SER A 271 -23.61 -14.60 13.87
C SER A 271 -22.64 -15.45 13.05
N ASN A 272 -22.85 -16.75 13.13
CA ASN A 272 -22.22 -17.72 12.23
C ASN A 272 -23.25 -18.56 11.50
N ALA A 273 -24.53 -18.25 11.63
CA ALA A 273 -25.55 -19.01 10.93
C ALA A 273 -25.43 -18.76 9.43
N PRO A 274 -25.56 -19.78 8.60
CA PRO A 274 -25.42 -19.59 7.16
C PRO A 274 -26.62 -18.86 6.57
N LEU A 275 -26.36 -18.15 5.47
CA LEU A 275 -27.43 -17.48 4.75
C LEU A 275 -28.19 -18.48 3.91
N ASP A 276 -29.49 -18.60 4.16
CA ASP A 276 -30.36 -19.52 3.43
C ASP A 276 -31.36 -18.73 2.59
N GLU A 277 -31.98 -19.43 1.64
CA GLU A 277 -32.96 -18.83 0.74
C GLU A 277 -34.35 -18.68 1.37
N CYS A 278 -34.42 -18.27 2.63
CA CYS A 278 -35.68 -18.13 3.36
C CYS A 278 -36.04 -16.66 3.55
N ASP A 279 -37.32 -16.41 3.81
CA ASP A 279 -37.83 -15.10 4.18
C ASP A 279 -38.43 -15.18 5.58
N THR A 280 -38.27 -14.10 6.34
CA THR A 280 -38.85 -14.02 7.68
C THR A 280 -39.29 -12.60 7.97
N LYS A 281 -40.12 -12.48 9.00
CA LYS A 281 -40.46 -11.16 9.53
C LYS A 281 -39.55 -10.76 10.68
N CYS A 282 -38.74 -11.69 11.19
CA CYS A 282 -37.95 -11.46 12.40
C CYS A 282 -36.70 -12.33 12.33
N GLN A 283 -35.52 -11.69 12.29
CA GLN A 283 -34.24 -12.38 12.35
C GLN A 283 -33.58 -12.12 13.71
N THR A 284 -33.02 -13.17 14.30
CA THR A 284 -32.33 -13.13 15.58
C THR A 284 -30.92 -13.66 15.40
N PRO A 285 -29.99 -13.33 16.31
CA PRO A 285 -28.58 -13.61 16.04
C PRO A 285 -28.24 -15.08 15.89
N GLN A 286 -29.10 -16.00 16.32
CA GLN A 286 -28.84 -17.40 16.06
C GLN A 286 -29.69 -17.96 14.93
N GLY A 287 -30.66 -17.21 14.43
CA GLY A 287 -31.50 -17.67 13.35
C GLY A 287 -32.78 -16.86 13.29
N ALA A 288 -33.63 -17.23 12.33
CA ALA A 288 -34.92 -16.57 12.17
C ALA A 288 -35.97 -17.27 13.01
N ILE A 289 -37.07 -16.56 13.27
CA ILE A 289 -38.15 -17.11 14.08
C ILE A 289 -39.49 -16.79 13.42
N ASN A 290 -40.42 -17.75 13.47
CA ASN A 290 -41.80 -17.46 13.08
C ASN A 290 -42.39 -16.43 14.05
N SER A 291 -42.99 -15.38 13.50
CA SER A 291 -43.46 -14.26 14.30
C SER A 291 -44.99 -14.19 14.34
N SER A 292 -45.65 -15.35 14.39
CA SER A 292 -47.09 -15.33 14.58
C SER A 292 -47.45 -15.27 16.06
N LEU A 293 -46.64 -15.87 16.90
CA LEU A 293 -46.91 -15.84 18.33
C LEU A 293 -46.53 -14.49 18.92
N PRO A 294 -47.27 -14.01 19.92
CA PRO A 294 -47.01 -12.67 20.46
C PRO A 294 -45.83 -12.61 21.39
N PHE A 295 -45.31 -13.74 21.85
CA PHE A 295 -44.18 -13.78 22.76
C PHE A 295 -43.12 -14.73 22.22
N GLN A 296 -41.86 -14.33 22.36
CA GLN A 296 -40.72 -15.17 22.02
C GLN A 296 -39.68 -15.04 23.12
N ASN A 297 -38.89 -16.09 23.29
CA ASN A 297 -37.82 -16.08 24.28
C ASN A 297 -36.47 -16.47 23.69
N ILE A 298 -36.29 -16.32 22.38
CA ILE A 298 -35.04 -16.72 21.76
C ILE A 298 -33.91 -15.77 22.15
N HIS A 299 -34.13 -14.47 21.94
CA HIS A 299 -33.08 -13.48 22.14
C HIS A 299 -33.72 -12.11 22.29
N PRO A 300 -33.22 -11.25 23.17
CA PRO A 300 -33.87 -9.94 23.36
C PRO A 300 -33.57 -8.95 22.26
N VAL A 301 -32.47 -9.12 21.53
CA VAL A 301 -32.02 -8.14 20.55
C VAL A 301 -32.32 -8.64 19.13
N THR A 302 -33.51 -8.34 18.63
CA THR A 302 -34.00 -8.86 17.38
C THR A 302 -33.96 -7.76 16.31
N ILE A 303 -34.36 -8.12 15.09
CA ILE A 303 -34.55 -7.16 14.01
C ILE A 303 -35.80 -7.56 13.24
N GLY A 304 -36.77 -6.65 13.17
CA GLY A 304 -37.98 -6.87 12.39
C GLY A 304 -39.27 -6.74 13.16
N GLU A 305 -40.34 -7.33 12.62
CA GLU A 305 -41.63 -7.38 13.30
C GLU A 305 -41.64 -8.66 14.14
N CYS A 306 -41.31 -8.54 15.41
CA CYS A 306 -41.01 -9.68 16.26
C CYS A 306 -41.99 -9.81 17.41
N PRO A 307 -42.12 -11.02 17.97
CA PRO A 307 -42.79 -11.16 19.27
C PRO A 307 -41.98 -10.46 20.35
N LYS A 308 -42.68 -9.89 21.33
CA LYS A 308 -41.99 -9.27 22.45
C LYS A 308 -41.19 -10.31 23.23
N TYR A 309 -40.00 -9.91 23.67
CA TYR A 309 -39.12 -10.84 24.36
C TYR A 309 -39.53 -10.99 25.81
N VAL A 310 -39.56 -12.23 26.27
CA VAL A 310 -39.84 -12.54 27.67
C VAL A 310 -38.83 -13.57 28.18
N ARG A 311 -38.51 -13.48 29.46
CA ARG A 311 -37.62 -14.44 30.11
C ARG A 311 -38.33 -15.76 30.40
N SER A 312 -39.57 -15.92 29.93
CA SER A 312 -40.41 -17.06 30.25
C SER A 312 -39.91 -18.34 29.57
N THR A 313 -40.31 -19.47 30.12
CA THR A 313 -40.01 -20.77 29.56
C THR A 313 -41.24 -21.54 29.11
N LYS A 314 -42.36 -21.39 29.81
CA LYS A 314 -43.62 -22.00 29.40
C LYS A 314 -44.70 -20.93 29.45
N LEU A 315 -45.41 -20.77 28.32
CA LEU A 315 -46.61 -19.94 28.26
C LEU A 315 -47.61 -20.73 27.42
N ARG A 316 -48.30 -21.68 28.06
CA ARG A 316 -49.26 -22.55 27.41
C ARG A 316 -50.67 -22.22 27.87
N MET A 317 -51.57 -21.98 26.92
CA MET A 317 -52.92 -21.52 27.20
C MET A 317 -53.92 -22.62 26.89
N VAL A 318 -54.98 -22.66 27.70
CA VAL A 318 -55.95 -23.75 27.69
C VAL A 318 -57.04 -23.46 26.65
N THR A 319 -57.40 -24.48 25.87
CA THR A 319 -58.58 -24.42 25.02
C THR A 319 -59.72 -25.30 25.49
N GLY A 320 -59.43 -26.38 26.21
CA GLY A 320 -60.45 -27.34 26.61
C GLY A 320 -60.66 -27.51 28.10
N LEU A 321 -60.89 -28.75 28.55
CA LEU A 321 -61.20 -29.06 29.94
C LEU A 321 -60.02 -29.79 30.58
N ARG A 322 -60.27 -30.42 31.73
CA ARG A 322 -59.27 -31.22 32.43
C ARG A 322 -59.55 -32.70 32.20
N ASN A 323 -58.50 -33.45 31.85
CA ASN A 323 -58.66 -34.88 31.56
C ASN A 323 -58.85 -35.66 32.86
N ILE A 324 -59.94 -36.42 32.94
CA ILE A 324 -60.20 -37.28 34.09
C ILE A 324 -60.73 -38.62 33.61
N PRO A 325 -59.89 -39.54 33.18
CA PRO A 325 -60.40 -40.81 32.65
C PRO A 325 -60.16 -41.99 33.58
N SER A 326 -60.07 -41.74 34.88
CA SER A 326 -59.84 -42.82 35.83
C SER A 326 -61.05 -43.74 35.93
N PHE B 3 -68.80 -23.06 38.37
CA PHE B 3 -69.63 -23.66 39.39
C PHE B 3 -68.98 -24.93 39.96
N GLY B 4 -69.80 -25.77 40.58
CA GLY B 4 -69.40 -27.06 41.08
C GLY B 4 -69.77 -28.22 40.20
N ALA B 5 -70.16 -27.97 38.94
CA ALA B 5 -70.52 -29.05 38.03
C ALA B 5 -69.29 -29.88 37.67
N ILE B 6 -68.29 -29.24 37.06
CA ILE B 6 -67.09 -29.97 36.65
C ILE B 6 -66.28 -30.36 37.87
N ALA B 7 -65.94 -31.65 37.95
CA ALA B 7 -65.11 -32.19 39.04
C ALA B 7 -65.62 -31.74 40.40
N GLY B 8 -66.93 -31.75 40.55
CA GLY B 8 -67.57 -31.47 41.83
C GLY B 8 -68.54 -32.56 42.15
N PHE B 9 -69.75 -32.49 41.58
CA PHE B 9 -70.70 -33.59 41.68
C PHE B 9 -70.77 -34.44 40.41
N ILE B 10 -70.17 -34.00 39.31
CA ILE B 10 -69.98 -34.85 38.14
C ILE B 10 -68.54 -35.41 38.10
N GLU B 11 -67.89 -35.51 39.27
CA GLU B 11 -66.67 -36.29 39.46
C GLU B 11 -65.72 -36.26 38.26
N GLY B 12 -65.59 -37.40 37.58
CA GLY B 12 -64.74 -37.52 36.41
C GLY B 12 -65.49 -37.27 35.13
N GLY B 13 -64.80 -37.53 34.01
CA GLY B 13 -65.32 -37.27 32.70
C GLY B 13 -65.38 -38.52 31.82
N TRP B 14 -65.93 -38.34 30.63
CA TRP B 14 -66.19 -39.42 29.69
C TRP B 14 -65.18 -39.38 28.56
N THR B 15 -64.70 -40.56 28.16
CA THR B 15 -63.76 -40.69 27.05
C THR B 15 -64.45 -40.94 25.71
N GLY B 16 -65.76 -41.23 25.72
CA GLY B 16 -66.44 -41.74 24.55
C GLY B 16 -67.05 -40.73 23.59
N MET B 17 -66.65 -39.47 23.67
CA MET B 17 -67.25 -38.42 22.85
C MET B 17 -66.24 -37.91 21.83
N MET B 18 -66.10 -38.67 20.74
CA MET B 18 -65.21 -38.27 19.66
C MET B 18 -65.73 -37.05 18.90
N ASP B 19 -67.00 -36.67 19.08
CA ASP B 19 -67.65 -35.68 18.25
C ASP B 19 -67.66 -34.27 18.84
N GLY B 20 -67.70 -34.13 20.17
CA GLY B 20 -67.79 -32.81 20.76
C GLY B 20 -67.28 -32.72 22.19
N TRP B 21 -67.55 -31.59 22.86
CA TRP B 21 -67.09 -31.37 24.22
C TRP B 21 -68.16 -31.59 25.29
N TYR B 22 -69.45 -31.44 24.96
CA TYR B 22 -70.54 -31.55 25.92
C TYR B 22 -71.68 -32.38 25.37
N GLY B 23 -72.32 -33.14 26.25
CA GLY B 23 -73.49 -33.90 25.84
C GLY B 23 -73.96 -34.88 26.90
N TYR B 24 -74.56 -35.97 26.44
CA TYR B 24 -75.41 -36.83 27.27
C TYR B 24 -75.03 -38.30 27.10
N HIS B 25 -75.43 -39.09 28.09
CA HIS B 25 -75.25 -40.54 28.10
C HIS B 25 -76.54 -41.16 28.60
N HIS B 26 -77.19 -41.97 27.77
CA HIS B 26 -78.53 -42.48 28.05
C HIS B 26 -78.55 -43.99 28.07
N GLN B 27 -79.14 -44.55 29.12
CA GLN B 27 -79.44 -45.98 29.24
C GLN B 27 -80.94 -46.13 29.36
N ASN B 28 -81.57 -46.72 28.34
CA ASN B 28 -83.02 -46.83 28.29
C ASN B 28 -83.44 -48.22 27.82
N GLU B 29 -83.50 -48.40 26.51
CA GLU B 29 -83.79 -49.71 25.91
C GLU B 29 -83.02 -49.92 24.61
N GLN B 30 -82.15 -48.99 24.21
CA GLN B 30 -81.40 -49.09 22.96
C GLN B 30 -79.99 -48.51 23.09
N GLY B 31 -79.60 -47.67 22.14
CA GLY B 31 -78.24 -47.18 21.99
C GLY B 31 -77.61 -46.58 23.22
N SER B 32 -76.56 -47.24 23.72
CA SER B 32 -75.87 -46.83 24.94
C SER B 32 -74.79 -45.79 24.69
N GLY B 33 -74.83 -45.11 23.55
CA GLY B 33 -73.77 -44.19 23.17
C GLY B 33 -73.90 -42.82 23.80
N TYR B 34 -73.04 -41.92 23.35
CA TYR B 34 -73.00 -40.54 23.80
C TYR B 34 -73.39 -39.62 22.64
N ALA B 35 -73.94 -38.46 23.00
CA ALA B 35 -74.37 -37.46 22.03
C ALA B 35 -73.69 -36.13 22.31
N ALA B 36 -73.36 -35.40 21.26
CA ALA B 36 -72.79 -34.07 21.38
C ALA B 36 -73.88 -33.01 21.28
N ASP B 37 -73.69 -31.91 22.00
CA ASP B 37 -74.61 -30.78 21.94
C ASP B 37 -74.00 -29.77 20.98
N GLN B 38 -74.33 -29.91 19.69
CA GLN B 38 -73.70 -29.13 18.62
C GLN B 38 -73.92 -27.63 18.77
N LYS B 39 -74.74 -27.19 19.72
CA LYS B 39 -74.88 -25.76 20.03
C LYS B 39 -74.15 -25.39 21.32
N SER B 40 -74.31 -26.19 22.37
CA SER B 40 -73.53 -25.94 23.59
C SER B 40 -72.04 -26.01 23.31
N THR B 41 -71.63 -26.75 22.29
CA THR B 41 -70.24 -26.91 21.94
C THR B 41 -69.78 -25.94 20.84
N GLN B 42 -70.52 -25.84 19.73
CA GLN B 42 -70.10 -24.97 18.64
C GLN B 42 -70.21 -23.50 19.00
N ASN B 43 -70.82 -23.15 20.12
CA ASN B 43 -70.75 -21.79 20.63
C ASN B 43 -69.54 -21.57 21.53
N ALA B 44 -69.05 -22.63 22.18
CA ALA B 44 -67.83 -22.52 22.97
C ALA B 44 -66.62 -22.39 22.06
N ILE B 45 -66.53 -23.23 21.03
CA ILE B 45 -65.40 -23.12 20.10
C ILE B 45 -65.45 -21.80 19.35
N ASN B 46 -66.65 -21.30 19.04
CA ASN B 46 -66.77 -19.97 18.44
C ASN B 46 -66.25 -18.91 19.38
N GLY B 47 -66.28 -19.17 20.68
CA GLY B 47 -65.86 -18.20 21.67
C GLY B 47 -64.41 -18.34 22.09
N ILE B 48 -63.91 -19.58 22.15
CA ILE B 48 -62.53 -19.79 22.57
C ILE B 48 -61.57 -19.41 21.46
N THR B 49 -61.78 -19.96 20.25
CA THR B 49 -60.95 -19.56 19.13
C THR B 49 -60.98 -18.05 18.93
N ASN B 50 -62.11 -17.41 19.26
CA ASN B 50 -62.18 -15.96 19.25
C ASN B 50 -61.26 -15.35 20.31
N LYS B 51 -61.11 -16.04 21.44
CA LYS B 51 -60.33 -15.52 22.56
C LYS B 51 -58.84 -15.71 22.34
N VAL B 52 -58.43 -16.88 21.85
CA VAL B 52 -57.02 -17.08 21.48
C VAL B 52 -56.61 -16.11 20.39
N ASN B 53 -57.41 -16.05 19.31
CA ASN B 53 -57.06 -15.20 18.18
C ASN B 53 -56.93 -13.73 18.57
N SER B 54 -57.52 -13.31 19.69
CA SER B 54 -57.36 -11.93 20.11
C SER B 54 -56.22 -11.72 21.08
N VAL B 55 -55.82 -12.74 21.84
CA VAL B 55 -54.56 -12.62 22.56
C VAL B 55 -53.39 -12.63 21.58
N ILE B 56 -53.52 -13.42 20.51
CA ILE B 56 -52.48 -13.44 19.48
C ILE B 56 -52.44 -12.11 18.74
N GLU B 57 -53.56 -11.74 18.10
CA GLU B 57 -53.54 -10.73 17.07
C GLU B 57 -53.81 -9.30 17.56
N LYS B 58 -54.13 -9.11 18.84
CA LYS B 58 -54.26 -7.73 19.33
C LYS B 58 -52.91 -7.06 19.52
N MET B 59 -51.80 -7.81 19.43
CA MET B 59 -50.47 -7.21 19.49
C MET B 59 -50.02 -6.93 18.07
N ASN B 60 -50.20 -5.69 17.62
CA ASN B 60 -49.50 -5.19 16.44
C ASN B 60 -48.15 -4.68 16.90
N THR B 61 -47.13 -4.94 16.10
CA THR B 61 -45.79 -4.51 16.44
C THR B 61 -45.10 -4.00 15.18
N GLN B 62 -44.43 -2.86 15.31
CA GLN B 62 -43.77 -2.24 14.18
C GLN B 62 -42.43 -2.91 13.90
N PHE B 63 -41.80 -2.51 12.79
CA PHE B 63 -40.43 -2.92 12.54
C PHE B 63 -39.49 -2.27 13.55
N THR B 64 -38.60 -3.07 14.14
CA THR B 64 -37.72 -2.56 15.17
C THR B 64 -36.40 -3.31 15.14
N ALA B 65 -35.30 -2.56 15.12
CA ALA B 65 -33.97 -3.11 15.30
C ALA B 65 -33.53 -2.76 16.72
N VAL B 66 -33.52 -3.77 17.60
CA VAL B 66 -33.31 -3.54 19.02
C VAL B 66 -31.88 -3.13 19.33
N GLY B 67 -30.92 -3.51 18.50
CA GLY B 67 -29.53 -3.35 18.86
C GLY B 67 -29.04 -1.91 18.82
N LYS B 68 -28.11 -1.62 19.72
CA LYS B 68 -27.41 -0.34 19.76
C LYS B 68 -25.96 -0.60 20.14
N GLU B 69 -25.05 0.15 19.51
CA GLU B 69 -23.61 -0.01 19.67
C GLU B 69 -23.02 1.29 20.18
N PHE B 70 -22.21 1.21 21.25
CA PHE B 70 -21.64 2.36 21.89
C PHE B 70 -20.15 2.19 22.11
N ASN B 71 -19.41 3.28 21.99
CA ASN B 71 -17.97 3.27 22.15
C ASN B 71 -17.61 3.29 23.64
N LYS B 72 -16.32 3.22 23.94
CA LYS B 72 -15.94 3.07 25.34
C LYS B 72 -16.16 4.33 26.16
N LEU B 73 -16.46 5.47 25.53
CA LEU B 73 -16.83 6.69 26.24
C LEU B 73 -18.31 6.98 26.17
N GLU B 74 -19.14 5.95 25.97
CA GLU B 74 -20.58 6.04 25.85
C GLU B 74 -21.24 4.99 26.76
N LYS B 75 -20.56 4.63 27.85
CA LYS B 75 -21.10 3.62 28.74
C LYS B 75 -22.47 4.02 29.28
N ARG B 76 -22.69 5.32 29.54
CA ARG B 76 -23.97 5.76 30.09
C ARG B 76 -25.11 5.42 29.14
N MET B 77 -24.98 5.79 27.87
CA MET B 77 -25.96 5.41 26.85
C MET B 77 -26.17 3.91 26.83
N GLU B 78 -25.08 3.13 26.73
CA GLU B 78 -25.14 1.68 26.79
C GLU B 78 -26.01 1.21 27.94
N ASN B 79 -25.83 1.80 29.12
CA ASN B 79 -26.61 1.37 30.27
C ASN B 79 -28.04 1.87 30.18
N LEU B 80 -28.25 3.11 29.74
CA LEU B 80 -29.61 3.57 29.51
C LEU B 80 -30.34 2.64 28.55
N ASN B 81 -29.67 2.25 27.47
CA ASN B 81 -30.27 1.34 26.52
C ASN B 81 -30.57 -0.01 27.17
N LYS B 82 -29.61 -0.56 27.93
CA LYS B 82 -29.85 -1.83 28.59
C LYS B 82 -31.02 -1.72 29.56
N LYS B 83 -31.14 -0.58 30.25
CA LYS B 83 -32.24 -0.37 31.16
C LYS B 83 -33.58 -0.44 30.43
N VAL B 84 -33.65 0.14 29.23
CA VAL B 84 -34.88 0.10 28.45
C VAL B 84 -35.22 -1.33 28.05
N ASP B 85 -34.21 -2.11 27.64
CA ASP B 85 -34.48 -3.48 27.24
C ASP B 85 -34.89 -4.33 28.43
N ASP B 86 -34.20 -4.19 29.57
CA ASP B 86 -34.60 -4.89 30.79
C ASP B 86 -36.00 -4.49 31.22
N GLY B 87 -36.34 -3.21 31.03
CA GLY B 87 -37.66 -2.74 31.43
C GLY B 87 -38.77 -3.45 30.71
N PHE B 88 -38.70 -3.49 29.37
CA PHE B 88 -39.71 -4.17 28.58
C PHE B 88 -39.76 -5.65 28.91
N MET B 89 -38.59 -6.30 28.96
CA MET B 89 -38.53 -7.71 29.34
C MET B 89 -39.28 -7.97 30.63
N ASP B 90 -39.03 -7.15 31.66
CA ASP B 90 -39.70 -7.34 32.94
C ASP B 90 -41.20 -7.14 32.82
N ILE B 91 -41.64 -6.19 32.01
CA ILE B 91 -43.07 -5.92 31.87
C ILE B 91 -43.76 -7.04 31.09
N TRP B 92 -43.22 -7.36 29.91
CA TRP B 92 -43.86 -8.41 29.11
C TRP B 92 -43.74 -9.79 29.77
N THR B 93 -42.62 -10.07 30.46
CA THR B 93 -42.54 -11.35 31.14
C THR B 93 -43.57 -11.46 32.26
N TYR B 94 -43.74 -10.41 33.05
CA TYR B 94 -44.69 -10.47 34.15
C TYR B 94 -46.13 -10.46 33.65
N ASN B 95 -46.44 -9.57 32.70
CA ASN B 95 -47.81 -9.47 32.21
C ASN B 95 -48.22 -10.71 31.43
N ALA B 96 -47.29 -11.33 30.69
CA ALA B 96 -47.64 -12.55 29.96
C ALA B 96 -47.87 -13.72 30.91
N GLU B 97 -46.90 -13.98 31.79
CA GLU B 97 -47.02 -15.11 32.72
C GLU B 97 -48.32 -15.05 33.50
N LEU B 98 -48.71 -13.86 33.97
CA LEU B 98 -49.95 -13.73 34.73
C LEU B 98 -51.17 -13.80 33.83
N LEU B 99 -51.11 -13.21 32.64
CA LEU B 99 -52.24 -13.31 31.73
C LEU B 99 -52.55 -14.77 31.40
N VAL B 100 -51.52 -15.54 31.08
CA VAL B 100 -51.70 -16.98 30.87
C VAL B 100 -52.31 -17.61 32.12
N LEU B 101 -51.77 -17.27 33.28
CA LEU B 101 -52.23 -17.89 34.53
C LEU B 101 -53.70 -17.58 34.79
N LEU B 102 -54.09 -16.32 34.62
CA LEU B 102 -55.43 -15.91 35.00
C LEU B 102 -56.47 -16.37 33.97
N GLU B 103 -56.18 -16.14 32.68
CA GLU B 103 -57.15 -16.49 31.65
C GLU B 103 -57.26 -17.99 31.45
N ASN B 104 -56.32 -18.77 31.97
CA ASN B 104 -56.53 -20.21 31.99
C ASN B 104 -57.63 -20.59 32.99
N GLU B 105 -57.62 -19.96 34.17
CA GLU B 105 -58.71 -20.21 35.12
C GLU B 105 -60.02 -19.69 34.57
N ARG B 106 -60.00 -18.53 33.90
CA ARG B 106 -61.23 -18.03 33.26
C ARG B 106 -61.74 -19.00 32.20
N THR B 107 -60.84 -19.77 31.59
CA THR B 107 -61.26 -20.73 30.58
C THR B 107 -61.83 -22.00 31.21
N LEU B 108 -61.24 -22.48 32.29
CA LEU B 108 -61.77 -23.67 32.95
C LEU B 108 -63.12 -23.41 33.60
N ASP B 109 -63.34 -22.20 34.10
CA ASP B 109 -64.65 -21.85 34.63
C ASP B 109 -65.69 -21.84 33.52
N PHE B 110 -65.31 -21.36 32.34
CA PHE B 110 -66.22 -21.31 31.19
C PHE B 110 -66.90 -22.65 30.95
N HIS B 111 -66.18 -23.75 31.16
CA HIS B 111 -66.76 -25.07 30.97
C HIS B 111 -67.68 -25.45 32.13
N ASP B 112 -67.33 -25.07 33.36
CA ASP B 112 -68.24 -25.20 34.50
C ASP B 112 -69.57 -24.51 34.20
N SER B 113 -69.51 -23.21 33.89
CA SER B 113 -70.73 -22.46 33.58
C SER B 113 -71.48 -23.02 32.38
N ASN B 114 -70.79 -23.74 31.48
CA ASN B 114 -71.49 -24.29 30.34
C ASN B 114 -72.25 -25.56 30.68
N VAL B 115 -71.58 -26.55 31.29
CA VAL B 115 -72.27 -27.79 31.61
C VAL B 115 -73.34 -27.55 32.67
N LYS B 116 -73.04 -26.71 33.66
CA LYS B 116 -74.03 -26.39 34.69
C LYS B 116 -75.29 -25.82 34.06
N ASN B 117 -75.15 -25.07 32.97
CA ASN B 117 -76.34 -24.57 32.27
C ASN B 117 -76.96 -25.64 31.38
N LEU B 118 -76.17 -26.55 30.84
CA LEU B 118 -76.74 -27.66 30.07
C LEU B 118 -77.48 -28.62 30.99
N TYR B 119 -76.88 -28.96 32.13
CA TYR B 119 -77.59 -29.73 33.14
C TYR B 119 -78.86 -29.02 33.58
N GLU B 120 -78.76 -27.72 33.87
CA GLU B 120 -79.95 -26.95 34.20
C GLU B 120 -80.83 -26.67 32.99
N LYS B 121 -80.40 -27.06 31.78
CA LYS B 121 -81.27 -26.94 30.62
C LYS B 121 -82.24 -28.10 30.50
N VAL B 122 -82.03 -29.19 31.23
CA VAL B 122 -82.91 -30.34 31.20
C VAL B 122 -83.60 -30.57 32.53
N LYS B 123 -82.93 -30.29 33.65
CA LYS B 123 -83.58 -30.40 34.94
C LYS B 123 -84.63 -29.31 35.12
N ASN B 124 -84.33 -28.09 34.67
CA ASN B 124 -85.33 -27.02 34.65
C ASN B 124 -86.34 -27.18 33.51
N GLN B 125 -86.38 -28.36 32.92
CA GLN B 125 -87.29 -28.71 31.83
C GLN B 125 -88.02 -30.01 32.09
N LEU B 126 -87.34 -31.01 32.64
CA LEU B 126 -87.98 -32.30 32.93
C LEU B 126 -88.78 -32.27 34.23
N ARG B 127 -88.39 -31.42 35.18
CA ARG B 127 -89.10 -31.22 36.46
C ARG B 127 -89.11 -32.55 37.21
N ASN B 128 -90.24 -32.97 37.80
CA ASN B 128 -90.29 -34.16 38.65
C ASN B 128 -90.58 -35.44 37.90
N ASN B 129 -90.00 -35.62 36.72
CA ASN B 129 -90.15 -36.85 35.95
C ASN B 129 -88.89 -37.70 35.99
N ALA B 130 -88.08 -37.54 37.03
CA ALA B 130 -86.87 -38.32 37.24
C ALA B 130 -86.32 -38.00 38.62
N LYS B 131 -85.70 -39.00 39.25
CA LYS B 131 -84.94 -38.76 40.46
C LYS B 131 -83.65 -38.01 40.11
N GLU B 132 -83.45 -36.83 40.72
CA GLU B 132 -82.30 -35.98 40.39
C GLU B 132 -81.09 -36.46 41.18
N LEU B 133 -80.41 -37.45 40.62
CA LEU B 133 -79.22 -38.01 41.25
C LEU B 133 -78.09 -36.99 41.24
N GLY B 134 -77.37 -36.91 42.36
CA GLY B 134 -76.36 -35.88 42.53
C GLY B 134 -75.18 -36.05 41.60
N ASN B 135 -75.02 -37.22 40.99
CA ASN B 135 -73.89 -37.45 40.09
C ASN B 135 -73.97 -36.62 38.83
N GLY B 136 -75.15 -36.12 38.48
CA GLY B 136 -75.34 -35.45 37.20
C GLY B 136 -76.01 -36.36 36.20
N CYS B 137 -77.12 -36.97 36.62
CA CYS B 137 -77.74 -38.05 35.85
C CYS B 137 -79.16 -38.25 36.37
N PHE B 138 -80.05 -38.72 35.49
CA PHE B 138 -81.49 -38.72 35.77
C PHE B 138 -82.11 -40.08 35.42
N GLU B 139 -82.72 -40.74 36.40
CA GLU B 139 -83.39 -42.02 36.19
C GLU B 139 -84.77 -41.79 35.60
N PHE B 140 -84.98 -42.27 34.38
CA PHE B 140 -86.18 -41.92 33.61
C PHE B 140 -87.39 -42.76 34.03
N TYR B 141 -88.55 -42.11 34.12
CA TYR B 141 -89.77 -42.82 34.52
C TYR B 141 -90.36 -43.63 33.38
N HIS B 142 -90.24 -43.17 32.13
CA HIS B 142 -90.69 -43.92 30.96
C HIS B 142 -89.51 -43.96 29.97
N LYS B 143 -88.54 -44.83 30.28
CA LYS B 143 -87.24 -44.92 29.59
C LYS B 143 -87.34 -44.68 28.09
N CYS B 144 -87.15 -43.41 27.70
CA CYS B 144 -87.43 -42.98 26.33
C CYS B 144 -86.65 -43.78 25.30
N ASP B 145 -87.31 -44.08 24.18
CA ASP B 145 -86.63 -44.74 23.08
C ASP B 145 -85.72 -43.73 22.36
N ASN B 146 -85.07 -44.20 21.30
CA ASN B 146 -84.17 -43.35 20.55
C ASN B 146 -84.91 -42.25 19.78
N GLU B 147 -86.21 -42.40 19.58
CA GLU B 147 -86.98 -41.34 18.92
C GLU B 147 -87.25 -40.17 19.86
N CYS B 148 -87.38 -40.44 21.17
CA CYS B 148 -87.63 -39.37 22.13
C CYS B 148 -86.33 -38.78 22.69
N MET B 149 -85.39 -39.63 23.07
CA MET B 149 -84.17 -39.14 23.70
C MET B 149 -83.44 -38.14 22.80
N GLU B 150 -83.43 -38.40 21.48
CA GLU B 150 -82.83 -37.47 20.54
C GLU B 150 -83.59 -36.15 20.44
N SER B 151 -84.75 -36.03 21.10
CA SER B 151 -85.51 -34.80 21.13
C SER B 151 -85.32 -34.02 22.43
N VAL B 152 -84.82 -34.67 23.48
CA VAL B 152 -84.43 -33.93 24.67
C VAL B 152 -83.15 -33.14 24.40
N LYS B 153 -82.34 -33.59 23.44
CA LYS B 153 -81.17 -32.82 23.01
C LYS B 153 -81.58 -31.42 22.58
N ASN B 154 -82.61 -31.33 21.72
CA ASN B 154 -83.21 -30.06 21.38
C ASN B 154 -83.99 -29.46 22.54
N GLY B 155 -84.15 -30.19 23.65
CA GLY B 155 -84.97 -29.71 24.73
C GLY B 155 -86.40 -29.59 24.29
N THR B 156 -87.09 -30.73 24.19
CA THR B 156 -88.49 -30.76 23.78
C THR B 156 -89.15 -31.96 24.46
N TYR B 157 -90.16 -31.70 25.28
CA TYR B 157 -90.85 -32.77 26.00
C TYR B 157 -92.36 -32.55 25.87
N ASP B 158 -93.12 -33.15 26.79
CA ASP B 158 -94.54 -32.82 26.92
C ASP B 158 -94.88 -32.47 28.36
N TYR B 159 -95.51 -33.39 29.10
CA TYR B 159 -95.89 -33.13 30.48
C TYR B 159 -94.85 -33.67 31.46
N GLU C 1 24.02 15.82 1.31
CA GLU C 1 23.22 14.77 0.67
C GLU C 1 23.83 13.41 0.94
N VAL C 2 23.44 12.43 0.14
CA VAL C 2 24.01 11.10 0.19
C VAL C 2 25.27 11.07 -0.69
N GLN C 3 26.35 10.53 -0.17
CA GLN C 3 27.55 10.32 -0.96
C GLN C 3 27.79 8.82 -1.14
N LEU C 4 28.46 8.45 -2.23
CA LEU C 4 28.70 7.05 -2.58
C LEU C 4 30.17 6.82 -2.88
N GLN C 5 30.69 5.69 -2.41
CA GLN C 5 32.13 5.38 -2.53
C GLN C 5 32.30 3.91 -2.89
N GLU C 6 32.49 3.63 -4.18
CA GLU C 6 32.85 2.29 -4.62
C GLU C 6 34.22 1.90 -4.10
N SER C 7 34.47 0.59 -4.02
CA SER C 7 35.78 0.09 -3.60
C SER C 7 35.88 -1.38 -3.96
N GLY C 8 37.11 -1.89 -3.87
CA GLY C 8 37.37 -3.30 -4.02
C GLY C 8 37.73 -3.77 -5.40
N GLY C 9 38.17 -2.88 -6.29
CA GLY C 9 38.52 -3.24 -7.63
C GLY C 9 40.01 -3.12 -7.90
N GLY C 10 40.43 -3.67 -9.03
CA GLY C 10 41.82 -3.66 -9.42
C GLY C 10 42.14 -4.63 -10.56
N LEU C 11 43.21 -5.40 -10.39
CA LEU C 11 43.69 -6.31 -11.42
C LEU C 11 43.36 -7.74 -11.04
N VAL C 12 42.75 -8.48 -11.97
CA VAL C 12 42.37 -9.87 -11.72
C VAL C 12 42.52 -10.65 -13.02
N GLN C 13 42.81 -11.94 -12.89
CA GLN C 13 43.04 -12.79 -14.05
C GLN C 13 41.72 -13.13 -14.74
N PRO C 14 41.77 -13.47 -16.03
CA PRO C 14 40.54 -13.82 -16.75
C PRO C 14 39.90 -15.07 -16.17
N GLY C 15 38.56 -15.09 -16.18
CA GLY C 15 37.84 -16.20 -15.59
C GLY C 15 37.78 -16.21 -14.08
N GLU C 16 38.31 -15.18 -13.41
CA GLU C 16 38.30 -15.10 -11.96
C GLU C 16 37.12 -14.24 -11.49
N SER C 17 37.02 -14.08 -10.18
CA SER C 17 35.96 -13.31 -9.54
C SER C 17 36.53 -12.07 -8.88
N LEU C 18 35.62 -11.22 -8.40
CA LEU C 18 35.96 -9.98 -7.72
C LEU C 18 34.67 -9.36 -7.19
N ARG C 19 34.71 -8.83 -5.97
CA ARG C 19 33.52 -8.29 -5.33
C ARG C 19 33.73 -6.80 -5.06
N LEU C 20 32.97 -5.96 -5.77
CA LEU C 20 32.97 -4.52 -5.52
C LEU C 20 31.93 -4.17 -4.45
N SER C 21 32.29 -3.23 -3.59
CA SER C 21 31.41 -2.74 -2.53
C SER C 21 31.10 -1.28 -2.79
N CYS C 22 29.85 -0.87 -2.52
CA CYS C 22 29.45 0.53 -2.62
C CYS C 22 28.90 0.98 -1.28
N VAL C 23 29.60 1.90 -0.63
CA VAL C 23 29.28 2.37 0.72
C VAL C 23 28.54 3.69 0.62
N GLY C 24 27.44 3.81 1.34
CA GLY C 24 26.69 5.03 1.41
C GLY C 24 26.94 5.77 2.70
N SER C 25 26.75 7.08 2.65
CA SER C 25 26.93 7.93 3.83
C SER C 25 26.15 9.20 3.60
N GLY C 26 25.82 9.87 4.69
CA GLY C 26 25.04 11.08 4.62
C GLY C 26 23.60 10.76 4.30
N SER C 27 22.78 11.81 4.28
CA SER C 27 21.36 11.62 4.13
C SER C 27 20.78 12.76 3.30
N SER C 28 19.73 12.45 2.54
CA SER C 28 18.99 13.46 1.79
C SER C 28 17.82 13.96 2.61
N PHE C 29 16.68 14.15 1.96
CA PHE C 29 15.55 14.77 2.62
C PHE C 29 14.93 13.80 3.59
N GLY C 30 14.53 14.34 4.74
CA GLY C 30 13.90 13.53 5.75
C GLY C 30 14.82 12.53 6.36
N GLU C 31 16.12 12.81 6.43
CA GLU C 31 17.11 11.90 7.00
C GLU C 31 17.15 10.58 6.25
N SER C 32 16.91 10.63 4.95
CA SER C 32 16.88 9.42 4.12
C SER C 32 18.31 9.00 3.77
N THR C 33 18.71 7.83 4.23
CA THR C 33 20.00 7.28 3.91
C THR C 33 19.91 6.49 2.61
N LEU C 34 20.93 5.69 2.29
CA LEU C 34 20.91 4.98 1.01
C LEU C 34 19.83 3.91 0.97
N SER C 35 19.44 3.35 2.12
CA SER C 35 18.44 2.29 2.14
C SER C 35 17.03 2.79 1.81
N TYR C 36 16.83 4.09 1.64
CA TYR C 36 15.57 4.62 1.18
C TYR C 36 15.44 4.57 -0.34
N TYR C 37 16.53 4.33 -1.06
CA TYR C 37 16.56 4.52 -2.50
C TYR C 37 16.98 3.24 -3.20
N ALA C 38 16.76 3.21 -4.51
CA ALA C 38 17.18 2.09 -5.34
C ALA C 38 18.47 2.47 -6.05
N VAL C 39 19.39 1.52 -6.12
CA VAL C 39 20.73 1.78 -6.63
C VAL C 39 20.98 0.89 -7.82
N SER C 40 21.83 1.36 -8.74
CA SER C 40 22.29 0.59 -9.88
C SER C 40 23.81 0.64 -9.93
N TRP C 41 24.38 -0.40 -10.54
CA TRP C 41 25.78 -0.38 -10.95
C TRP C 41 25.86 -0.04 -12.44
N VAL C 42 26.82 0.81 -12.79
CA VAL C 42 27.01 1.25 -14.16
C VAL C 42 28.51 1.26 -14.44
N ARG C 43 28.92 0.59 -15.50
CA ARG C 43 30.34 0.52 -15.79
C ARG C 43 30.67 1.32 -17.04
N GLN C 44 31.94 1.67 -17.15
CA GLN C 44 32.47 2.45 -18.27
C GLN C 44 33.80 1.85 -18.68
N ALA C 45 33.88 1.35 -19.89
CA ALA C 45 35.14 0.81 -20.39
C ALA C 45 36.04 1.95 -20.85
N PRO C 46 37.36 1.74 -20.86
CA PRO C 46 38.28 2.84 -21.18
C PRO C 46 37.99 3.43 -22.55
N GLY C 47 37.66 4.71 -22.56
CA GLY C 47 37.43 5.45 -23.79
C GLY C 47 36.04 5.36 -24.37
N LYS C 48 35.13 4.64 -23.72
CA LYS C 48 33.80 4.41 -24.24
C LYS C 48 32.78 5.10 -23.35
N GLY C 49 31.50 4.75 -23.55
CA GLY C 49 30.41 5.34 -22.82
C GLY C 49 29.95 4.48 -21.64
N LEU C 50 28.77 4.83 -21.14
CA LEU C 50 28.24 4.26 -19.91
C LEU C 50 27.35 3.06 -20.21
N GLU C 51 27.58 1.96 -19.51
CA GLU C 51 26.78 0.76 -19.64
C GLU C 51 26.15 0.45 -18.28
N TRP C 52 24.83 0.34 -18.27
CA TRP C 52 24.10 -0.08 -17.08
C TRP C 52 24.19 -1.60 -16.93
N LEU C 53 24.37 -2.05 -15.70
CA LEU C 53 24.58 -3.47 -15.42
C LEU C 53 23.43 -4.10 -14.65
N SER C 54 23.05 -3.52 -13.51
CA SER C 54 22.06 -4.14 -12.65
C SER C 54 21.44 -3.09 -11.74
N ILE C 55 20.22 -3.37 -11.30
CA ILE C 55 19.49 -2.49 -10.40
C ILE C 55 18.96 -3.31 -9.24
N ILE C 56 18.88 -2.67 -8.07
CA ILE C 56 18.24 -3.29 -6.91
C ILE C 56 17.42 -2.22 -6.20
N ASN C 57 16.25 -2.61 -5.71
CA ASN C 57 15.36 -1.68 -5.04
C ASN C 57 15.76 -1.54 -3.57
N ALA C 58 15.15 -0.56 -2.89
CA ALA C 58 15.56 -0.21 -1.54
C ALA C 58 15.53 -1.39 -0.60
N GLY C 59 14.44 -2.15 -0.60
CA GLY C 59 14.34 -3.28 0.29
C GLY C 59 15.14 -4.49 -0.14
N GLY C 60 15.77 -4.43 -1.31
CA GLY C 60 16.50 -5.56 -1.84
C GLY C 60 15.77 -6.37 -2.87
N GLY C 61 14.61 -5.91 -3.33
CA GLY C 61 13.82 -6.63 -4.31
C GLY C 61 13.90 -5.99 -5.70
N ASP C 62 13.22 -6.66 -6.64
CA ASP C 62 13.17 -6.23 -8.04
C ASP C 62 14.56 -6.20 -8.67
N ILE C 63 15.41 -7.18 -8.36
CA ILE C 63 16.72 -7.22 -9.01
C ILE C 63 16.51 -7.39 -10.52
N ASP C 64 17.41 -6.80 -11.30
CA ASP C 64 17.44 -7.08 -12.73
C ASP C 64 18.85 -6.82 -13.23
N TYR C 65 19.16 -7.37 -14.40
CA TYR C 65 20.51 -7.28 -14.92
C TYR C 65 20.46 -7.00 -16.41
N ALA C 66 21.57 -6.49 -16.93
CA ALA C 66 21.77 -6.42 -18.37
C ALA C 66 22.15 -7.80 -18.90
N ASP C 67 21.67 -8.10 -20.11
CA ASP C 67 21.95 -9.41 -20.72
C ASP C 67 23.43 -9.73 -20.74
N SER C 68 24.30 -8.72 -20.88
CA SER C 68 25.73 -8.98 -21.02
C SER C 68 26.34 -9.52 -19.74
N VAL C 69 25.73 -9.25 -18.58
CA VAL C 69 26.28 -9.67 -17.31
C VAL C 69 25.36 -10.64 -16.58
N GLU C 70 24.27 -11.09 -17.22
CA GLU C 70 23.34 -11.98 -16.56
C GLU C 70 23.97 -13.35 -16.32
N GLY C 71 23.86 -13.83 -15.08
CA GLY C 71 24.41 -15.10 -14.68
C GLY C 71 25.79 -15.01 -14.06
N ARG C 72 26.61 -14.06 -14.53
CA ARG C 72 27.95 -13.85 -13.99
C ARG C 72 27.93 -12.91 -12.79
N PHE C 73 27.20 -11.81 -12.89
CA PHE C 73 27.19 -10.76 -11.88
C PHE C 73 25.95 -10.90 -11.01
N THR C 74 26.10 -10.51 -9.74
CA THR C 74 25.01 -10.58 -8.77
C THR C 74 25.03 -9.36 -7.88
N ILE C 75 23.88 -8.69 -7.78
CA ILE C 75 23.73 -7.49 -6.99
C ILE C 75 23.05 -7.83 -5.66
N SER C 76 23.32 -7.03 -4.63
CA SER C 76 22.79 -7.25 -3.28
C SER C 76 23.13 -6.04 -2.42
N ARG C 77 22.53 -5.97 -1.23
CA ARG C 77 22.72 -4.82 -0.35
C ARG C 77 22.46 -5.20 1.10
N ASP C 78 23.38 -4.81 1.97
CA ASP C 78 23.26 -4.99 3.42
C ASP C 78 22.83 -3.63 3.99
N ASN C 79 21.51 -3.40 4.02
CA ASN C 79 21.01 -2.10 4.47
C ASN C 79 21.44 -1.77 5.89
N SER C 80 21.68 -2.78 6.72
CA SER C 80 22.21 -2.49 8.05
C SER C 80 23.54 -1.78 7.96
N LYS C 81 24.35 -2.10 6.94
CA LYS C 81 25.63 -1.46 6.71
C LYS C 81 25.56 -0.36 5.66
N GLU C 82 24.38 -0.10 5.10
CA GLU C 82 24.20 0.91 4.04
C GLU C 82 25.22 0.71 2.92
N THR C 83 25.33 -0.53 2.48
CA THR C 83 26.38 -0.92 1.54
C THR C 83 25.77 -1.76 0.41
N LEU C 84 26.18 -1.47 -0.82
CA LEU C 84 25.86 -2.32 -1.96
C LEU C 84 27.05 -3.16 -2.38
N TYR C 85 26.74 -4.23 -3.11
CA TYR C 85 27.72 -5.21 -3.55
C TYR C 85 27.48 -5.56 -5.01
N LEU C 86 28.56 -5.99 -5.68
CA LEU C 86 28.48 -6.55 -7.03
C LEU C 86 29.48 -7.69 -7.10
N GLN C 87 28.96 -8.92 -7.11
CA GLN C 87 29.78 -10.13 -7.09
C GLN C 87 30.01 -10.57 -8.53
N MET C 88 31.16 -10.21 -9.09
CA MET C 88 31.50 -10.55 -10.46
C MET C 88 32.17 -11.91 -10.53
N THR C 89 31.76 -12.71 -11.51
CA THR C 89 32.29 -14.06 -11.72
C THR C 89 32.64 -14.24 -13.19
N ASN C 90 33.62 -15.11 -13.45
CA ASN C 90 34.09 -15.38 -14.81
C ASN C 90 34.37 -14.08 -15.55
N LEU C 91 35.42 -13.40 -15.12
CA LEU C 91 35.72 -12.08 -15.64
C LEU C 91 36.41 -12.17 -16.99
N ARG C 92 35.87 -11.45 -17.97
CA ARG C 92 36.42 -11.37 -19.31
C ARG C 92 37.15 -10.05 -19.51
N VAL C 93 38.04 -10.03 -20.51
CA VAL C 93 38.88 -8.85 -20.73
C VAL C 93 38.03 -7.62 -20.99
N GLU C 94 36.92 -7.79 -21.71
CA GLU C 94 36.08 -6.64 -22.01
C GLU C 94 35.34 -6.11 -20.79
N ASP C 95 35.33 -6.87 -19.68
CA ASP C 95 34.77 -6.36 -18.44
C ASP C 95 35.64 -5.29 -17.80
N THR C 96 36.86 -5.09 -18.28
CA THR C 96 37.71 -4.02 -17.78
C THR C 96 37.02 -2.67 -17.92
N GLY C 97 37.22 -1.80 -16.94
CA GLY C 97 36.65 -0.47 -16.98
C GLY C 97 36.49 0.10 -15.59
N VAL C 98 35.83 1.26 -15.52
CA VAL C 98 35.54 1.92 -14.27
C VAL C 98 34.09 1.60 -13.89
N TYR C 99 33.93 0.92 -12.76
CA TYR C 99 32.61 0.52 -12.27
C TYR C 99 32.07 1.57 -11.32
N TYR C 100 30.87 2.07 -11.61
CA TYR C 100 30.26 3.15 -10.86
C TYR C 100 29.08 2.64 -10.05
N CYS C 101 28.82 3.34 -8.95
CA CYS C 101 27.67 3.13 -8.09
C CYS C 101 26.78 4.36 -8.18
N ALA C 102 25.51 4.18 -8.55
CA ALA C 102 24.66 5.33 -8.89
C ALA C 102 23.28 5.17 -8.25
N LYS C 103 22.89 6.17 -7.46
CA LYS C 103 21.62 6.16 -6.75
C LYS C 103 20.52 6.73 -7.65
N HIS C 104 19.32 6.14 -7.55
CA HIS C 104 18.15 6.65 -8.26
C HIS C 104 17.43 7.72 -7.44
N MET C 105 16.82 8.66 -8.15
CA MET C 105 16.32 9.88 -7.53
C MET C 105 15.20 9.60 -6.53
N SER C 106 14.18 8.87 -6.96
CA SER C 106 12.93 8.77 -6.21
C SER C 106 13.08 7.93 -4.95
N MET C 107 12.41 8.39 -3.87
CA MET C 107 12.37 7.64 -2.62
C MET C 107 11.51 6.41 -2.79
N GLN C 108 12.06 5.25 -2.40
CA GLN C 108 11.39 3.99 -2.62
C GLN C 108 10.77 3.39 -1.36
N GLN C 109 11.32 3.69 -0.18
CA GLN C 109 10.63 3.32 1.05
C GLN C 109 11.01 4.29 2.16
N VAL C 110 10.14 4.37 3.16
CA VAL C 110 10.42 5.06 4.41
C VAL C 110 9.95 4.10 5.49
N VAL C 111 10.87 3.25 5.97
CA VAL C 111 10.51 2.06 6.74
C VAL C 111 9.84 2.44 8.06
N SER C 112 10.36 3.47 8.73
CA SER C 112 9.81 3.83 10.03
C SER C 112 8.38 4.35 9.91
N ALA C 113 8.04 4.95 8.77
CA ALA C 113 6.68 5.40 8.53
C ALA C 113 5.76 4.28 8.07
N GLY C 114 6.31 3.11 7.78
CA GLY C 114 5.51 2.05 7.18
C GLY C 114 5.04 2.38 5.79
N TRP C 115 5.83 3.13 5.03
CA TRP C 115 5.48 3.56 3.69
C TRP C 115 6.44 2.95 2.69
N GLU C 116 5.90 2.29 1.67
CA GLU C 116 6.63 1.81 0.51
C GLU C 116 6.00 2.37 -0.74
N ARG C 117 6.79 2.37 -1.81
CA ARG C 117 6.31 2.67 -3.14
C ARG C 117 5.98 1.36 -3.86
N ALA C 118 4.81 1.28 -4.48
CA ALA C 118 4.38 0.00 -5.03
C ALA C 118 5.25 -0.42 -6.20
N ASP C 119 5.70 0.54 -7.02
CA ASP C 119 6.53 0.29 -8.17
C ASP C 119 8.00 0.60 -7.86
N LEU C 120 8.87 0.25 -8.79
CA LEU C 120 10.29 0.61 -8.77
C LEU C 120 10.57 1.55 -9.93
N VAL C 121 11.00 2.77 -9.60
CA VAL C 121 11.01 3.84 -10.59
C VAL C 121 12.25 3.78 -11.48
N GLY C 122 13.43 3.63 -10.87
CA GLY C 122 14.65 3.57 -11.66
C GLY C 122 14.88 4.81 -12.48
N ASP C 123 14.63 5.98 -11.91
CA ASP C 123 14.75 7.25 -12.62
C ASP C 123 16.16 7.80 -12.43
N ALA C 124 16.32 9.12 -12.61
CA ALA C 124 17.61 9.74 -12.85
C ALA C 124 18.62 9.40 -11.75
N PHE C 125 19.88 9.28 -12.16
CA PHE C 125 20.98 9.07 -11.23
C PHE C 125 21.43 10.41 -10.70
N ASP C 126 21.02 10.76 -9.48
CA ASP C 126 21.37 12.07 -8.96
C ASP C 126 22.62 12.05 -8.10
N VAL C 127 23.19 10.88 -7.82
CA VAL C 127 24.43 10.76 -7.04
C VAL C 127 25.26 9.61 -7.58
N TRP C 128 26.52 9.88 -7.89
CA TRP C 128 27.46 8.86 -8.35
C TRP C 128 28.68 8.77 -7.43
N GLY C 129 29.32 7.59 -7.43
CA GLY C 129 30.58 7.42 -6.73
C GLY C 129 31.76 7.90 -7.57
N GLN C 130 32.93 7.96 -6.93
CA GLN C 130 34.12 8.37 -7.67
C GLN C 130 34.58 7.29 -8.64
N GLY C 131 34.11 6.08 -8.45
CA GLY C 131 34.44 4.97 -9.31
C GLY C 131 35.62 4.17 -8.77
N THR C 132 35.61 2.87 -9.09
CA THR C 132 36.73 1.98 -8.84
C THR C 132 37.03 1.23 -10.13
N MET C 133 38.30 1.09 -10.46
CA MET C 133 38.70 0.54 -11.75
C MET C 133 38.97 -0.95 -11.63
N VAL C 134 38.50 -1.70 -12.63
CA VAL C 134 38.72 -3.14 -12.72
C VAL C 134 39.47 -3.39 -14.01
N THR C 135 40.66 -3.99 -13.89
CA THR C 135 41.52 -4.30 -15.01
C THR C 135 41.59 -5.82 -15.14
N VAL C 136 40.96 -6.36 -16.18
CA VAL C 136 40.95 -7.80 -16.43
C VAL C 136 42.02 -8.11 -17.47
N SER C 137 43.14 -8.67 -17.02
CA SER C 137 44.24 -9.01 -17.91
C SER C 137 45.13 -10.02 -17.21
N SER C 138 45.49 -11.10 -17.91
CA SER C 138 46.37 -12.09 -17.32
C SER C 138 47.80 -11.61 -17.17
N ALA C 139 48.13 -10.43 -17.68
CA ALA C 139 49.45 -9.87 -17.48
C ALA C 139 49.69 -9.57 -16.00
N SER C 140 50.93 -9.76 -15.58
CA SER C 140 51.27 -9.52 -14.19
C SER C 140 51.34 -8.02 -13.91
N THR C 141 51.17 -7.66 -12.65
CA THR C 141 51.32 -6.27 -12.21
C THR C 141 52.78 -5.97 -11.93
N LYS C 142 53.18 -4.73 -12.23
CA LYS C 142 54.55 -4.27 -12.02
C LYS C 142 54.54 -2.84 -11.50
N GLY C 143 55.51 -2.54 -10.64
CA GLY C 143 55.58 -1.25 -10.00
C GLY C 143 56.12 -0.16 -10.90
N PRO C 144 55.77 1.09 -10.59
CA PRO C 144 56.19 2.20 -11.43
C PRO C 144 57.63 2.62 -11.18
N SER C 145 58.28 3.06 -12.26
CA SER C 145 59.62 3.63 -12.20
C SER C 145 59.51 5.14 -12.37
N VAL C 146 60.03 5.88 -11.39
CA VAL C 146 59.89 7.34 -11.35
C VAL C 146 61.27 7.97 -11.44
N PHE C 147 61.39 8.98 -12.30
CA PHE C 147 62.63 9.72 -12.53
C PHE C 147 62.31 11.21 -12.61
N PRO C 148 63.22 12.07 -12.16
CA PRO C 148 62.91 13.50 -12.07
C PRO C 148 63.01 14.20 -13.42
N LEU C 149 62.42 15.39 -13.48
CA LEU C 149 62.50 16.28 -14.63
C LEU C 149 62.93 17.65 -14.10
N ALA C 150 64.24 17.82 -13.91
CA ALA C 150 64.76 19.01 -13.28
C ALA C 150 64.66 20.21 -14.23
N PRO C 151 64.52 21.43 -13.68
CA PRO C 151 64.51 22.67 -14.47
C PRO C 151 65.91 23.15 -14.89
N THR C 160 58.33 31.81 -17.34
CA THR C 160 58.44 31.03 -16.12
C THR C 160 59.23 29.74 -16.39
N ALA C 161 59.20 28.79 -15.43
CA ALA C 161 60.02 27.58 -15.45
C ALA C 161 59.13 26.34 -15.39
N ALA C 162 59.76 25.17 -15.17
CA ALA C 162 59.04 23.92 -15.21
C ALA C 162 59.91 22.83 -14.59
N LEU C 163 59.31 22.04 -13.70
CA LEU C 163 59.93 20.85 -13.11
C LEU C 163 58.89 19.74 -13.07
N GLY C 164 59.33 18.50 -13.32
CA GLY C 164 58.40 17.41 -13.55
C GLY C 164 58.85 16.09 -12.94
N CYS C 165 57.99 15.08 -13.14
CA CYS C 165 58.22 13.71 -12.69
C CYS C 165 57.81 12.75 -13.79
N LEU C 166 58.69 11.82 -14.12
CA LEU C 166 58.47 10.86 -15.21
C LEU C 166 58.27 9.48 -14.61
N VAL C 167 57.03 8.99 -14.62
CA VAL C 167 56.70 7.66 -14.15
C VAL C 167 56.78 6.72 -15.35
N LYS C 168 57.88 5.97 -15.45
CA LYS C 168 58.27 5.40 -16.74
C LYS C 168 57.60 4.05 -17.03
N ASP C 169 57.71 3.09 -16.13
CA ASP C 169 57.28 1.72 -16.42
C ASP C 169 56.38 1.19 -15.32
N TYR C 170 55.10 0.96 -15.64
CA TYR C 170 54.15 0.35 -14.71
C TYR C 170 52.96 -0.21 -15.47
N PHE C 171 52.19 -1.05 -14.78
CA PHE C 171 50.95 -1.67 -15.27
C PHE C 171 50.20 -2.30 -14.11
N PRO C 172 48.88 -2.11 -14.01
CA PRO C 172 48.06 -1.27 -14.88
C PRO C 172 47.70 0.05 -14.23
N GLU C 173 46.94 0.88 -14.94
CA GLU C 173 46.38 2.07 -14.36
C GLU C 173 45.51 1.68 -13.16
N PRO C 174 45.27 2.61 -12.22
CA PRO C 174 45.68 4.01 -12.18
C PRO C 174 46.74 4.36 -11.13
N VAL C 175 47.35 5.53 -11.31
CA VAL C 175 48.26 6.11 -10.34
C VAL C 175 47.64 7.40 -9.81
N THR C 176 48.29 7.99 -8.82
CA THR C 176 47.80 9.21 -8.17
C THR C 176 48.98 10.15 -7.95
N VAL C 177 48.95 11.32 -8.59
CA VAL C 177 50.00 12.31 -8.50
C VAL C 177 49.51 13.48 -7.65
N SER C 178 50.40 14.05 -6.85
CA SER C 178 50.05 15.18 -5.99
C SER C 178 51.36 15.81 -5.52
N TRP C 179 51.73 16.92 -6.14
CA TRP C 179 52.99 17.60 -5.83
C TRP C 179 52.92 18.28 -4.47
N ASN C 180 53.78 17.84 -3.54
CA ASN C 180 53.89 18.41 -2.20
C ASN C 180 52.54 18.46 -1.50
N SER C 181 51.80 17.35 -1.61
CA SER C 181 50.50 17.18 -0.95
C SER C 181 49.54 18.30 -1.31
N GLY C 182 49.43 18.58 -2.61
CA GLY C 182 48.55 19.62 -3.08
C GLY C 182 49.05 21.03 -2.88
N ALA C 183 50.35 21.22 -2.62
CA ALA C 183 50.89 22.56 -2.52
C ALA C 183 50.79 23.30 -3.85
N LEU C 184 51.24 22.65 -4.93
CA LEU C 184 51.05 23.18 -6.28
C LEU C 184 49.74 22.63 -6.82
N THR C 185 48.65 23.33 -6.50
CA THR C 185 47.35 22.99 -7.03
C THR C 185 46.95 23.88 -8.20
N SER C 186 47.82 24.79 -8.61
CA SER C 186 47.60 25.66 -9.77
C SER C 186 48.62 25.33 -10.84
N GLY C 187 48.18 25.27 -12.09
CA GLY C 187 49.08 25.05 -13.19
C GLY C 187 49.54 23.62 -13.38
N VAL C 188 49.00 22.67 -12.61
CA VAL C 188 49.45 21.30 -12.75
C VAL C 188 49.00 20.73 -14.09
N HIS C 189 49.71 19.71 -14.54
CA HIS C 189 49.28 18.94 -15.70
C HIS C 189 49.77 17.50 -15.61
N THR C 190 49.06 16.68 -14.83
CA THR C 190 49.26 15.24 -14.90
C THR C 190 48.77 14.74 -16.26
N PHE C 191 49.69 14.22 -17.05
CA PHE C 191 49.36 13.87 -18.42
C PHE C 191 48.70 12.49 -18.50
N PRO C 192 47.76 12.31 -19.42
CA PRO C 192 47.21 10.97 -19.65
C PRO C 192 48.32 10.00 -20.02
N ALA C 193 48.23 8.80 -19.46
CA ALA C 193 49.27 7.81 -19.66
C ALA C 193 49.23 7.23 -21.07
N VAL C 194 50.37 6.70 -21.52
CA VAL C 194 50.48 6.00 -22.79
C VAL C 194 50.95 4.58 -22.52
N LEU C 195 50.75 3.71 -23.51
CA LEU C 195 51.11 2.30 -23.41
C LEU C 195 52.37 2.05 -24.25
N GLN C 196 53.51 1.98 -23.57
CA GLN C 196 54.80 1.91 -24.25
C GLN C 196 54.94 0.61 -25.04
N SER C 197 55.93 0.60 -25.93
CA SER C 197 56.12 -0.52 -26.85
C SER C 197 56.36 -1.82 -26.10
N SER C 198 57.02 -1.76 -24.95
CA SER C 198 57.18 -2.94 -24.10
C SER C 198 55.83 -3.53 -23.74
N GLY C 199 54.92 -2.70 -23.24
CA GLY C 199 53.60 -3.14 -22.82
C GLY C 199 53.21 -2.57 -21.48
N LEU C 200 54.07 -1.74 -20.90
CA LEU C 200 53.83 -1.10 -19.62
C LEU C 200 53.61 0.39 -19.81
N TYR C 201 52.80 0.97 -18.93
CA TYR C 201 52.35 2.35 -19.07
C TYR C 201 53.45 3.33 -18.69
N SER C 202 53.34 4.55 -19.23
CA SER C 202 54.25 5.65 -18.95
C SER C 202 53.42 6.89 -18.72
N LEU C 203 53.98 7.84 -17.94
CA LEU C 203 53.21 9.03 -17.60
C LEU C 203 54.15 10.11 -17.08
N SER C 204 53.88 11.35 -17.47
CA SER C 204 54.59 12.51 -16.95
C SER C 204 53.62 13.42 -16.22
N SER C 205 54.17 14.22 -15.31
CA SER C 205 53.41 15.22 -14.57
C SER C 205 54.28 16.45 -14.39
N VAL C 206 53.69 17.63 -14.55
CA VAL C 206 54.44 18.90 -14.58
C VAL C 206 53.71 19.96 -13.76
N VAL C 207 54.41 21.05 -13.50
CA VAL C 207 53.84 22.25 -12.88
C VAL C 207 54.68 23.44 -13.30
N THR C 208 54.05 24.62 -13.40
CA THR C 208 54.77 25.84 -13.76
C THR C 208 55.16 26.59 -12.50
N VAL C 209 56.43 27.01 -12.44
CA VAL C 209 56.95 27.83 -11.34
C VAL C 209 57.69 29.01 -11.95
N PRO C 210 57.69 30.18 -11.31
CA PRO C 210 58.37 31.34 -11.89
C PRO C 210 59.87 31.37 -11.60
N SER C 211 60.44 32.57 -11.49
CA SER C 211 61.86 32.70 -11.16
C SER C 211 62.16 32.23 -9.74
N SER C 212 61.20 32.41 -8.83
CA SER C 212 61.40 31.99 -7.45
C SER C 212 61.41 30.48 -7.34
N SER C 213 62.38 29.95 -6.61
CA SER C 213 62.47 28.52 -6.31
C SER C 213 62.58 28.39 -4.79
N LEU C 214 61.45 28.10 -4.14
CA LEU C 214 61.36 28.07 -2.69
C LEU C 214 61.78 29.40 -2.08
N THR C 218 62.16 23.80 -2.46
CA THR C 218 62.18 22.38 -2.79
C THR C 218 60.80 21.93 -3.25
N TYR C 219 60.77 21.13 -4.31
CA TYR C 219 59.52 20.62 -4.89
C TYR C 219 59.64 19.11 -5.07
N ILE C 220 58.64 18.39 -4.59
CA ILE C 220 58.58 16.94 -4.70
C ILE C 220 57.22 16.54 -5.26
N CYS C 221 57.17 15.36 -5.87
CA CYS C 221 55.92 14.79 -6.38
C CYS C 221 55.59 13.53 -5.58
N ASN C 222 54.34 13.44 -5.12
CA ASN C 222 53.87 12.29 -4.36
C ASN C 222 53.14 11.33 -5.30
N VAL C 223 53.73 10.17 -5.51
CA VAL C 223 53.16 9.15 -6.40
C VAL C 223 52.52 8.06 -5.57
N ASN C 224 51.35 7.60 -6.00
CA ASN C 224 50.61 6.55 -5.31
C ASN C 224 50.07 5.60 -6.37
N HIS C 225 50.56 4.36 -6.36
CA HIS C 225 50.07 3.31 -7.25
C HIS C 225 49.47 2.23 -6.37
N LYS C 226 48.14 2.17 -6.32
CA LYS C 226 47.46 1.25 -5.41
C LYS C 226 47.83 -0.21 -5.62
N PRO C 227 47.75 -0.79 -6.85
CA PRO C 227 47.84 -2.26 -6.98
C PRO C 227 49.17 -2.87 -6.54
N SER C 228 50.15 -2.05 -6.16
CA SER C 228 51.46 -2.58 -5.78
C SER C 228 51.99 -1.96 -4.50
N ASN C 229 51.14 -1.31 -3.69
CA ASN C 229 51.55 -0.70 -2.43
C ASN C 229 52.72 0.26 -2.64
N THR C 230 52.68 1.02 -3.73
CA THR C 230 53.77 1.91 -4.12
C THR C 230 53.41 3.34 -3.75
N LYS C 231 54.31 4.01 -3.03
CA LYS C 231 54.14 5.41 -2.67
C LYS C 231 55.51 6.07 -2.66
N VAL C 232 55.71 7.04 -3.54
CA VAL C 232 57.00 7.67 -3.77
C VAL C 232 56.84 9.18 -3.65
N ASP C 233 57.73 9.81 -2.88
CA ASP C 233 57.81 11.25 -2.75
C ASP C 233 59.11 11.74 -3.39
N LYS C 234 59.18 11.64 -4.71
CA LYS C 234 60.43 11.90 -5.41
C LYS C 234 60.76 13.38 -5.45
N ARG C 235 62.06 13.70 -5.36
CA ARG C 235 62.54 15.07 -5.34
C ARG C 235 62.71 15.59 -6.77
N VAL C 236 63.08 16.87 -6.89
CA VAL C 236 63.25 17.51 -8.19
C VAL C 236 64.19 18.71 -8.07
N GLU C 237 65.46 18.46 -7.69
CA GLU C 237 66.43 19.53 -7.56
C GLU C 237 67.24 19.68 -8.85
N PRO C 238 67.67 20.91 -9.18
CA PRO C 238 68.48 21.16 -10.39
C PRO C 238 69.91 20.64 -10.24
N ASP D 1 15.91 -4.00 -26.72
CA ASP D 1 16.63 -2.83 -26.24
C ASP D 1 16.11 -1.54 -26.86
N ILE D 2 16.71 -0.42 -26.45
CA ILE D 2 16.36 0.90 -26.92
C ILE D 2 17.65 1.65 -27.23
N GLN D 3 17.76 2.20 -28.43
CA GLN D 3 18.95 2.91 -28.87
C GLN D 3 18.71 4.42 -28.82
N LEU D 4 19.64 5.14 -28.20
CA LEU D 4 19.60 6.60 -28.19
C LEU D 4 20.67 7.13 -29.13
N THR D 5 20.27 7.97 -30.07
CA THR D 5 21.18 8.53 -31.05
C THR D 5 21.40 9.99 -30.72
N GLN D 6 22.66 10.38 -30.55
CA GLN D 6 23.03 11.74 -30.19
C GLN D 6 23.74 12.44 -31.34
N SER D 7 23.35 13.68 -31.59
CA SER D 7 23.94 14.52 -32.63
C SER D 7 24.29 15.88 -32.04
N PRO D 8 25.44 16.44 -32.41
CA PRO D 8 26.43 15.78 -33.25
C PRO D 8 27.33 14.88 -32.42
N SER D 9 28.40 14.35 -33.02
CA SER D 9 29.37 13.60 -32.22
C SER D 9 30.22 14.53 -31.37
N SER D 10 30.47 15.75 -31.86
CA SER D 10 31.14 16.78 -31.09
C SER D 10 30.79 18.12 -31.71
N LEU D 11 30.63 19.15 -30.89
CA LEU D 11 30.42 20.49 -31.41
C LEU D 11 31.49 21.43 -30.85
N SER D 12 32.11 22.19 -31.74
CA SER D 12 33.03 23.24 -31.35
C SER D 12 32.24 24.55 -31.28
N ALA D 13 32.39 25.27 -30.18
CA ALA D 13 31.66 26.51 -30.00
C ALA D 13 32.52 27.46 -29.16
N SER D 14 32.08 28.71 -29.12
CA SER D 14 32.78 29.76 -28.37
C SER D 14 32.04 30.07 -27.09
N VAL D 15 32.75 30.72 -26.16
CA VAL D 15 32.12 31.19 -24.94
C VAL D 15 31.00 32.15 -25.32
N GLY D 16 29.87 32.03 -24.62
CA GLY D 16 28.73 32.87 -24.88
C GLY D 16 27.81 32.36 -25.96
N ASP D 17 28.28 31.49 -26.85
CA ASP D 17 27.43 30.86 -27.84
C ASP D 17 26.34 30.05 -27.15
N ARG D 18 25.21 29.90 -27.81
CA ARG D 18 24.15 28.99 -27.35
C ARG D 18 24.18 27.75 -28.22
N VAL D 19 24.26 26.59 -27.58
CA VAL D 19 24.43 25.33 -28.31
C VAL D 19 23.26 24.42 -28.00
N THR D 20 22.89 23.62 -29.00
CA THR D 20 21.80 22.67 -28.92
C THR D 20 22.37 21.28 -29.18
N LEU D 21 22.19 20.39 -28.23
CA LEU D 21 22.59 18.99 -28.37
C LEU D 21 21.36 18.15 -28.63
N THR D 22 21.46 17.22 -29.56
CA THR D 22 20.32 16.41 -29.97
C THR D 22 20.44 15.00 -29.41
N CYS D 23 19.29 14.45 -28.99
CA CYS D 23 19.19 13.07 -28.53
C CYS D 23 17.84 12.55 -29.00
N GLN D 24 17.84 11.68 -30.01
CA GLN D 24 16.63 11.07 -30.54
C GLN D 24 16.58 9.61 -30.14
N ALA D 25 15.37 9.12 -29.85
CA ALA D 25 15.16 7.77 -29.34
C ALA D 25 14.46 6.92 -30.38
N SER D 26 14.77 5.63 -30.37
CA SER D 26 14.20 4.68 -31.33
C SER D 26 12.75 4.34 -31.06
N GLN D 27 12.17 4.82 -29.95
CA GLN D 27 10.74 4.64 -29.71
C GLN D 27 10.29 5.66 -28.67
N ASP D 28 8.97 5.93 -28.67
CA ASP D 28 8.34 6.84 -27.72
C ASP D 28 8.71 6.47 -26.28
N ILE D 29 9.55 7.30 -25.65
CA ILE D 29 9.93 7.12 -24.26
C ILE D 29 9.33 8.21 -23.37
N ARG D 30 8.25 8.85 -23.84
CA ARG D 30 7.54 9.88 -23.10
C ARG D 30 8.58 10.92 -22.68
N LYS D 31 8.71 11.24 -21.40
CA LYS D 31 9.71 12.16 -20.91
C LYS D 31 10.65 11.49 -19.92
N PHE D 32 10.78 10.17 -20.01
CA PHE D 32 11.69 9.40 -19.14
C PHE D 32 13.12 9.49 -19.67
N LEU D 33 13.63 10.71 -19.75
CA LEU D 33 14.95 10.96 -20.32
C LEU D 33 15.70 11.96 -19.46
N ASN D 34 16.99 11.71 -19.25
CA ASN D 34 17.84 12.59 -18.46
C ASN D 34 19.19 12.78 -19.15
N TRP D 35 19.85 13.87 -18.80
CA TRP D 35 21.13 14.25 -19.38
C TRP D 35 22.18 14.35 -18.30
N TYR D 36 23.39 13.87 -18.59
CA TYR D 36 24.51 14.00 -17.67
C TYR D 36 25.69 14.62 -18.40
N GLN D 37 26.36 15.53 -17.71
CA GLN D 37 27.69 15.95 -18.09
C GLN D 37 28.70 15.03 -17.43
N GLN D 38 29.82 14.82 -18.10
CA GLN D 38 30.93 14.07 -17.50
C GLN D 38 32.24 14.70 -17.94
N LYS D 39 32.88 15.42 -17.02
CA LYS D 39 34.21 15.92 -17.29
C LYS D 39 35.21 14.76 -17.21
N PRO D 40 36.31 14.83 -17.96
CA PRO D 40 37.16 13.64 -18.10
C PRO D 40 37.82 13.27 -16.79
N GLY D 41 37.91 11.97 -16.53
CA GLY D 41 38.45 11.43 -15.32
C GLY D 41 37.54 11.52 -14.12
N LYS D 42 36.49 12.33 -14.19
CA LYS D 42 35.55 12.50 -13.11
C LYS D 42 34.29 11.69 -13.40
N GLY D 43 33.43 11.58 -12.40
CA GLY D 43 32.18 10.88 -12.55
C GLY D 43 31.15 11.75 -13.22
N PRO D 44 30.08 11.14 -13.72
CA PRO D 44 28.98 11.93 -14.31
C PRO D 44 28.18 12.66 -13.25
N LYS D 45 27.82 13.90 -13.55
CA LYS D 45 26.92 14.69 -12.70
C LYS D 45 25.62 14.96 -13.47
N LEU D 46 24.49 14.82 -12.78
CA LEU D 46 23.19 14.97 -13.43
C LEU D 46 22.89 16.44 -13.71
N LEU D 47 22.36 16.72 -14.91
CA LEU D 47 21.99 18.07 -15.33
C LEU D 47 20.49 18.25 -15.43
N ILE D 48 19.84 17.43 -16.26
CA ILE D 48 18.42 17.54 -16.57
C ILE D 48 17.78 16.20 -16.27
N TYR D 49 16.70 16.20 -15.51
CA TYR D 49 15.98 14.98 -15.22
C TYR D 49 14.57 15.12 -15.76
N ASP D 50 14.10 14.06 -16.42
CA ASP D 50 12.75 13.99 -16.98
C ASP D 50 12.55 15.09 -18.02
N ALA D 51 13.38 15.03 -19.06
CA ALA D 51 13.28 15.85 -20.26
C ALA D 51 13.57 17.33 -20.03
N SER D 52 13.01 17.92 -18.96
CA SER D 52 12.96 19.38 -18.87
C SER D 52 13.20 19.96 -17.49
N ASN D 53 13.54 19.16 -16.48
CA ASN D 53 13.71 19.67 -15.13
C ASN D 53 15.19 19.88 -14.84
N LEU D 54 15.54 21.10 -14.44
CA LEU D 54 16.90 21.41 -14.04
C LEU D 54 17.17 20.87 -12.64
N GLN D 55 18.25 20.11 -12.50
CA GLN D 55 18.60 19.53 -11.21
C GLN D 55 19.15 20.61 -10.29
N ARG D 56 18.85 20.48 -9.00
CA ARG D 56 19.35 21.41 -8.00
C ARG D 56 20.84 21.66 -8.16
N GLY D 57 21.24 22.93 -8.04
CA GLY D 57 22.62 23.32 -8.13
C GLY D 57 23.24 23.32 -9.50
N VAL D 58 22.49 22.95 -10.54
CA VAL D 58 23.00 23.04 -11.90
C VAL D 58 22.75 24.47 -12.38
N PRO D 59 23.70 25.11 -13.07
CA PRO D 59 23.52 26.51 -13.48
C PRO D 59 22.25 26.69 -14.30
N SER D 60 21.59 27.83 -14.08
CA SER D 60 20.32 28.12 -14.75
C SER D 60 20.45 28.13 -16.26
N ARG D 61 21.66 28.25 -16.81
CA ARG D 61 21.83 28.28 -18.26
C ARG D 61 21.46 26.95 -18.91
N PHE D 62 21.49 25.85 -18.16
CA PHE D 62 21.15 24.55 -18.72
C PHE D 62 19.65 24.39 -18.81
N SER D 63 19.16 24.08 -20.01
CA SER D 63 17.76 23.80 -20.24
C SER D 63 17.66 22.50 -21.01
N GLY D 64 16.50 21.86 -20.89
CA GLY D 64 16.29 20.62 -21.61
C GLY D 64 14.87 20.55 -22.12
N GLY D 65 14.68 20.11 -23.36
CA GLY D 65 13.37 20.09 -23.95
C GLY D 65 13.12 18.80 -24.70
N GLY D 66 11.83 18.46 -24.86
CA GLY D 66 11.49 17.30 -25.66
C GLY D 66 10.46 16.36 -25.08
N SER D 67 10.01 15.42 -25.91
CA SER D 67 9.10 14.36 -25.49
C SER D 67 8.99 13.39 -26.65
N GLY D 68 8.50 12.19 -26.37
CA GLY D 68 8.33 11.21 -27.42
C GLY D 68 9.65 10.59 -27.83
N THR D 69 10.24 11.08 -28.93
CA THR D 69 11.49 10.55 -29.44
C THR D 69 12.51 11.64 -29.74
N ASP D 70 12.24 12.89 -29.37
CA ASP D 70 13.05 14.02 -29.82
C ASP D 70 13.34 14.92 -28.64
N PHE D 71 14.58 14.91 -28.17
CA PHE D 71 14.98 15.62 -26.96
C PHE D 71 16.23 16.44 -27.23
N THR D 72 16.35 17.56 -26.52
CA THR D 72 17.45 18.48 -26.71
C THR D 72 17.83 19.08 -25.37
N LEU D 73 19.14 19.15 -25.13
CA LEU D 73 19.73 19.93 -24.05
C LEU D 73 20.32 21.20 -24.65
N ILE D 74 20.05 22.34 -24.02
CA ILE D 74 20.42 23.65 -24.56
C ILE D 74 21.29 24.36 -23.53
N ILE D 75 22.56 24.58 -23.89
CA ILE D 75 23.48 25.33 -23.04
C ILE D 75 23.44 26.78 -23.52
N SER D 76 22.95 27.67 -22.64
CA SER D 76 22.56 29.01 -23.08
C SER D 76 23.78 29.89 -23.33
N SER D 77 24.62 30.06 -22.32
CA SER D 77 25.84 30.86 -22.43
C SER D 77 27.01 29.92 -22.15
N LEU D 78 27.58 29.37 -23.22
CA LEU D 78 28.60 28.33 -23.07
C LEU D 78 29.81 28.88 -22.34
N GLN D 79 30.24 28.17 -21.31
CA GLN D 79 31.39 28.56 -20.51
C GLN D 79 32.47 27.50 -20.59
N PRO D 80 33.74 27.87 -20.46
CA PRO D 80 34.81 26.86 -20.55
C PRO D 80 34.64 25.72 -19.57
N GLU D 81 33.98 25.94 -18.43
CA GLU D 81 33.73 24.84 -17.52
C GLU D 81 32.72 23.84 -18.06
N ASP D 82 32.16 24.07 -19.25
CA ASP D 82 31.22 23.15 -19.86
C ASP D 82 31.89 22.10 -20.73
N VAL D 83 33.16 22.28 -21.07
CA VAL D 83 33.85 21.27 -21.87
C VAL D 83 33.74 19.93 -21.18
N GLY D 84 33.52 18.90 -21.97
CA GLY D 84 33.29 17.56 -21.46
C GLY D 84 32.37 16.80 -22.38
N THR D 85 31.86 15.68 -21.87
CA THR D 85 31.03 14.78 -22.65
C THR D 85 29.64 14.74 -22.03
N TYR D 86 28.62 14.86 -22.88
CA TYR D 86 27.24 14.94 -22.43
C TYR D 86 26.47 13.73 -22.93
N TYR D 87 25.95 12.93 -22.01
CA TYR D 87 25.23 11.69 -22.29
C TYR D 87 23.74 11.86 -21.98
N CYS D 88 22.90 11.33 -22.87
CA CYS D 88 21.48 11.18 -22.57
C CYS D 88 21.18 9.72 -22.25
N GLN D 89 20.21 9.51 -21.35
CA GLN D 89 19.95 8.18 -20.81
C GLN D 89 18.46 8.02 -20.51
N GLN D 90 17.92 6.82 -20.74
CA GLN D 90 16.50 6.55 -20.63
C GLN D 90 16.22 5.48 -19.58
N TYR D 91 14.97 5.47 -19.10
CA TYR D 91 14.53 4.42 -18.17
C TYR D 91 13.08 4.04 -18.42
N ASP D 92 12.58 4.26 -19.64
CA ASP D 92 11.26 3.76 -20.01
C ASP D 92 11.20 2.25 -20.02
N GLY D 93 12.35 1.58 -20.17
CA GLY D 93 12.38 0.13 -20.13
C GLY D 93 13.79 -0.39 -19.99
N LEU D 94 13.89 -1.61 -19.50
CA LEU D 94 15.17 -2.30 -19.33
C LEU D 94 15.62 -2.92 -20.65
N PRO D 95 16.93 -2.91 -20.94
CA PRO D 95 17.96 -2.35 -20.07
C PRO D 95 18.03 -0.84 -20.17
N PHE D 96 18.39 -0.17 -19.08
CA PHE D 96 18.59 1.27 -19.13
C PHE D 96 19.78 1.57 -20.04
N THR D 97 19.59 2.47 -20.99
CA THR D 97 20.61 2.70 -22.01
C THR D 97 20.95 4.18 -22.13
N PHE D 98 22.20 4.44 -22.50
CA PHE D 98 22.74 5.78 -22.68
C PHE D 98 22.97 6.07 -24.16
N GLY D 99 22.89 7.34 -24.51
CA GLY D 99 23.36 7.77 -25.80
C GLY D 99 24.86 7.64 -25.89
N GLY D 100 25.37 7.86 -27.11
CA GLY D 100 26.81 7.76 -27.33
C GLY D 100 27.61 8.89 -26.76
N GLY D 101 26.95 9.98 -26.38
CA GLY D 101 27.63 11.16 -25.88
C GLY D 101 27.92 12.16 -26.98
N THR D 102 28.11 13.41 -26.55
CA THR D 102 28.44 14.52 -27.44
C THR D 102 29.46 15.38 -26.72
N LYS D 103 30.65 15.48 -27.30
CA LYS D 103 31.75 16.16 -26.64
C LYS D 103 31.72 17.63 -26.99
N VAL D 104 31.71 18.50 -25.98
CA VAL D 104 31.73 19.93 -26.21
C VAL D 104 33.17 20.39 -26.22
N VAL D 105 33.52 21.17 -27.24
CA VAL D 105 34.87 21.66 -27.46
C VAL D 105 34.79 23.17 -27.58
N ILE D 106 35.74 23.86 -26.97
CA ILE D 106 35.68 25.32 -26.84
C ILE D 106 36.63 25.98 -27.83
N LYS D 107 36.15 27.02 -28.48
CA LYS D 107 36.96 27.87 -29.35
C LYS D 107 37.33 29.14 -28.59
N ARG D 108 38.61 29.51 -28.64
CA ARG D 108 39.08 30.70 -27.96
C ARG D 108 40.11 31.40 -28.83
N THR D 109 40.65 32.51 -28.32
CA THR D 109 41.73 33.17 -29.03
C THR D 109 42.97 32.27 -29.06
N VAL D 110 43.87 32.57 -29.99
CA VAL D 110 45.05 31.72 -30.16
C VAL D 110 45.99 31.88 -28.97
N ALA D 111 46.52 30.76 -28.49
CA ALA D 111 47.38 30.72 -27.31
C ALA D 111 48.77 30.23 -27.70
N ALA D 112 49.79 30.86 -27.12
CA ALA D 112 51.18 30.56 -27.48
C ALA D 112 51.73 29.51 -26.52
N PRO D 113 52.24 28.38 -27.01
CA PRO D 113 52.79 27.35 -26.13
C PRO D 113 54.16 27.72 -25.62
N SER D 114 54.33 27.70 -24.29
CA SER D 114 55.66 27.85 -23.72
C SER D 114 56.39 26.51 -23.77
N VAL D 115 57.49 26.46 -24.52
CA VAL D 115 58.16 25.21 -24.90
C VAL D 115 59.28 24.91 -23.92
N PHE D 116 59.50 23.63 -23.64
CA PHE D 116 60.52 23.19 -22.69
C PHE D 116 61.07 21.85 -23.13
N ILE D 117 62.34 21.60 -22.78
CA ILE D 117 63.02 20.36 -23.11
C ILE D 117 63.54 19.73 -21.82
N PHE D 118 63.52 18.39 -21.75
CA PHE D 118 63.87 17.67 -20.54
C PHE D 118 64.73 16.44 -20.86
N PRO D 119 65.87 16.28 -20.19
CA PRO D 119 66.72 15.11 -20.41
C PRO D 119 66.42 14.03 -19.39
N PRO D 120 67.12 12.87 -19.45
CA PRO D 120 66.91 11.84 -18.41
C PRO D 120 67.43 12.23 -17.04
N SER D 121 67.85 11.23 -16.26
CA SER D 121 68.34 11.45 -14.91
C SER D 121 69.59 10.61 -14.68
N ASP D 122 70.26 10.87 -13.55
CA ASP D 122 71.40 10.04 -13.14
C ASP D 122 70.98 8.61 -12.83
N GLU D 123 69.68 8.38 -12.59
CA GLU D 123 69.15 7.05 -12.35
C GLU D 123 68.58 6.39 -13.61
N GLN D 124 68.09 7.18 -14.58
CA GLN D 124 67.47 6.61 -15.76
C GLN D 124 68.51 6.03 -16.73
N LEU D 125 69.45 6.85 -17.20
CA LEU D 125 70.50 6.35 -18.09
C LEU D 125 71.39 5.32 -17.41
N LYS D 126 71.42 5.29 -16.07
CA LYS D 126 72.10 4.21 -15.37
C LYS D 126 71.32 2.90 -15.46
N SER D 127 69.98 2.97 -15.49
CA SER D 127 69.17 1.77 -15.62
C SER D 127 69.34 1.09 -16.97
N GLY D 128 69.79 1.82 -17.99
CA GLY D 128 69.98 1.25 -19.31
C GLY D 128 68.86 1.57 -20.28
N THR D 129 68.40 2.83 -20.28
CA THR D 129 67.32 3.29 -21.14
C THR D 129 67.22 4.80 -21.05
N ALA D 130 66.97 5.45 -22.18
CA ALA D 130 66.87 6.90 -22.25
C ALA D 130 65.45 7.33 -22.61
N SER D 131 65.04 8.49 -22.06
CA SER D 131 63.71 9.03 -22.30
C SER D 131 63.82 10.55 -22.29
N VAL D 132 63.83 11.15 -23.47
CA VAL D 132 63.86 12.60 -23.63
C VAL D 132 62.44 13.08 -23.93
N VAL D 133 62.06 14.19 -23.31
CA VAL D 133 60.68 14.67 -23.34
C VAL D 133 60.64 16.14 -23.75
N CYS D 134 59.76 16.47 -24.70
CA CYS D 134 59.40 17.83 -25.02
C CYS D 134 58.00 18.09 -24.49
N LEU D 135 57.81 19.21 -23.78
CA LEU D 135 56.60 19.45 -23.00
C LEU D 135 56.08 20.88 -23.24
N LEU D 136 55.52 21.10 -24.43
CA LEU D 136 54.78 22.34 -24.67
C LEU D 136 53.65 22.46 -23.65
N ASN D 137 53.45 23.68 -23.14
CA ASN D 137 52.51 23.88 -22.04
C ASN D 137 51.09 24.16 -22.54
N ASN D 138 50.53 25.32 -22.19
CA ASN D 138 49.10 25.58 -22.34
C ASN D 138 48.85 26.32 -23.65
N PHE D 139 48.37 25.60 -24.66
CA PHE D 139 48.30 26.13 -26.02
C PHE D 139 46.97 25.76 -26.67
N TYR D 140 46.63 26.53 -27.70
CA TYR D 140 45.43 26.38 -28.51
C TYR D 140 45.77 27.01 -29.85
N PRO D 141 45.54 26.32 -30.98
CA PRO D 141 44.86 25.04 -31.22
C PRO D 141 45.57 23.77 -30.71
N ARG D 142 44.95 22.62 -31.00
CA ARG D 142 45.39 21.35 -30.43
C ARG D 142 46.60 20.80 -31.17
N GLU D 143 46.58 20.83 -32.50
CA GLU D 143 47.63 20.19 -33.29
C GLU D 143 48.95 20.94 -33.15
N ALA D 144 50.01 20.20 -32.81
CA ALA D 144 51.35 20.76 -32.71
C ALA D 144 52.31 19.77 -33.38
N LYS D 145 53.05 20.26 -34.37
CA LYS D 145 53.97 19.42 -35.12
C LYS D 145 55.25 19.23 -34.30
N VAL D 146 55.38 18.07 -33.66
CA VAL D 146 56.53 17.77 -32.81
C VAL D 146 57.49 16.90 -33.59
N GLN D 147 58.67 17.42 -33.89
CA GLN D 147 59.75 16.65 -34.48
C GLN D 147 61.02 16.86 -33.68
N TRP D 148 61.90 15.86 -33.72
CA TRP D 148 63.12 15.85 -32.91
C TRP D 148 64.34 15.87 -33.82
N LYS D 149 65.27 16.77 -33.52
CA LYS D 149 66.52 16.91 -34.27
C LYS D 149 67.68 16.51 -33.37
N VAL D 150 68.39 15.46 -33.76
CA VAL D 150 69.55 14.96 -33.02
C VAL D 150 70.79 15.34 -33.83
N ASP D 151 71.51 16.36 -33.35
CA ASP D 151 72.58 16.99 -34.14
C ASP D 151 72.05 17.45 -35.49
N ASN D 152 70.84 18.00 -35.49
CA ASN D 152 70.11 18.39 -36.69
C ASN D 152 69.86 17.17 -37.60
N ALA D 153 69.03 16.27 -37.07
CA ALA D 153 68.61 15.07 -37.80
C ALA D 153 67.25 14.65 -37.30
N LEU D 154 66.28 14.55 -38.22
CA LEU D 154 64.90 14.30 -37.84
C LEU D 154 64.71 12.86 -37.34
N GLN D 155 63.91 12.72 -36.29
CA GLN D 155 63.58 11.42 -35.72
C GLN D 155 62.24 10.96 -36.26
N SER D 156 62.18 9.71 -36.73
CA SER D 156 60.94 9.13 -37.24
C SER D 156 60.92 7.65 -36.86
N GLY D 157 59.89 7.25 -36.11
CA GLY D 157 59.77 5.89 -35.66
C GLY D 157 60.26 5.62 -34.26
N ASN D 158 60.19 6.59 -33.35
CA ASN D 158 60.61 6.41 -31.97
C ASN D 158 59.92 7.43 -31.07
N SER D 159 58.71 7.84 -31.43
CA SER D 159 58.01 8.92 -30.77
C SER D 159 56.73 8.41 -30.11
N GLN D 160 56.18 9.25 -29.23
CA GLN D 160 54.94 9.00 -28.52
C GLN D 160 54.51 10.28 -27.80
N GLU D 161 53.34 10.81 -28.13
CA GLU D 161 52.86 12.06 -27.56
C GLU D 161 51.50 11.86 -26.91
N SER D 162 51.30 12.50 -25.76
CA SER D 162 50.03 12.46 -25.05
C SER D 162 49.56 13.89 -24.79
N VAL D 163 48.29 14.15 -25.10
CA VAL D 163 47.69 15.46 -24.89
C VAL D 163 46.83 15.41 -23.64
N THR D 164 46.85 16.50 -22.87
CA THR D 164 45.93 16.59 -21.73
C THR D 164 44.56 17.06 -22.19
N GLU D 165 43.59 16.94 -21.30
CA GLU D 165 42.24 17.34 -21.62
C GLU D 165 42.11 18.86 -21.59
N GLN D 166 41.10 19.35 -22.31
CA GLN D 166 40.90 20.79 -22.42
C GLN D 166 40.60 21.37 -21.05
N ASP D 167 41.41 22.36 -20.65
CA ASP D 167 41.30 22.90 -19.32
C ASP D 167 39.95 23.61 -19.13
N SER D 168 39.38 23.44 -17.94
CA SER D 168 38.05 23.95 -17.64
C SER D 168 38.07 25.39 -17.13
N LYS D 169 39.14 26.14 -17.40
CA LYS D 169 39.19 27.53 -16.98
C LYS D 169 39.67 28.42 -18.10
N ASP D 170 40.77 28.04 -18.76
CA ASP D 170 41.32 28.81 -19.86
C ASP D 170 41.24 28.09 -21.19
N SER D 171 40.72 26.86 -21.22
CA SER D 171 40.46 26.13 -22.45
C SER D 171 41.73 25.93 -23.28
N THR D 172 42.84 25.64 -22.60
CA THR D 172 44.10 25.33 -23.27
C THR D 172 44.39 23.83 -23.19
N TYR D 173 45.38 23.41 -23.96
CA TYR D 173 45.81 22.02 -24.03
C TYR D 173 47.17 21.87 -23.33
N SER D 174 47.78 20.71 -23.53
CA SER D 174 49.14 20.45 -23.07
C SER D 174 49.64 19.15 -23.69
N LEU D 175 50.83 19.19 -24.30
CA LEU D 175 51.34 18.09 -25.10
C LEU D 175 52.76 17.78 -24.69
N SER D 176 53.02 16.52 -24.34
CA SER D 176 54.35 16.03 -24.05
C SER D 176 54.70 14.90 -25.01
N SER D 177 55.98 14.82 -25.38
CA SER D 177 56.45 13.85 -26.35
C SER D 177 57.50 12.95 -25.74
N THR D 178 57.45 11.66 -26.08
CA THR D 178 58.29 10.63 -25.47
C THR D 178 59.16 9.98 -26.54
N LEU D 179 60.46 10.16 -26.44
CA LEU D 179 61.42 9.52 -27.32
C LEU D 179 62.14 8.45 -26.51
N THR D 180 61.78 7.19 -26.73
CA THR D 180 62.32 6.06 -26.00
C THR D 180 63.39 5.38 -26.85
N LEU D 181 64.64 5.43 -26.38
CA LEU D 181 65.76 4.75 -27.04
C LEU D 181 66.75 4.30 -25.97
N SER D 182 67.49 3.24 -26.28
CA SER D 182 68.35 2.61 -25.28
C SER D 182 69.48 3.53 -24.88
N LYS D 183 70.18 3.15 -23.80
CA LYS D 183 71.29 3.93 -23.28
C LYS D 183 72.57 3.74 -24.10
N ALA D 184 72.69 2.64 -24.84
CA ALA D 184 73.80 2.49 -25.77
C ALA D 184 73.68 3.51 -26.90
N ASP D 185 72.46 3.79 -27.35
CA ASP D 185 72.24 4.80 -28.37
C ASP D 185 72.46 6.22 -27.84
N TYR D 186 72.32 6.42 -26.53
CA TYR D 186 72.41 7.76 -25.97
C TYR D 186 73.83 8.28 -25.92
N GLU D 187 74.83 7.40 -25.92
CA GLU D 187 76.22 7.82 -25.83
C GLU D 187 76.79 8.31 -27.15
N LYS D 188 76.06 8.12 -28.26
CA LYS D 188 76.60 8.46 -29.57
C LYS D 188 76.56 9.97 -29.83
N HIS D 189 75.36 10.53 -29.98
CA HIS D 189 75.20 11.91 -30.39
C HIS D 189 75.32 12.86 -29.19
N LYS D 190 75.40 14.17 -29.50
CA LYS D 190 75.59 15.20 -28.48
C LYS D 190 74.35 16.09 -28.37
N VAL D 191 74.01 16.83 -29.41
CA VAL D 191 72.94 17.81 -29.33
C VAL D 191 71.62 17.17 -29.75
N TYR D 192 70.55 17.49 -29.02
CA TYR D 192 69.19 17.07 -29.35
C TYR D 192 68.29 18.29 -29.33
N ALA D 193 67.50 18.46 -30.40
CA ALA D 193 66.63 19.61 -30.54
C ALA D 193 65.17 19.17 -30.67
N CYS D 194 64.27 19.99 -30.12
CA CYS D 194 62.84 19.79 -30.25
C CYS D 194 62.29 20.98 -31.04
N GLU D 195 62.22 20.82 -32.36
CA GLU D 195 61.64 21.84 -33.23
C GLU D 195 60.15 21.57 -33.38
N VAL D 196 59.32 22.50 -32.92
CA VAL D 196 57.87 22.37 -32.99
C VAL D 196 57.31 23.57 -33.73
N THR D 197 56.36 23.32 -34.62
CA THR D 197 55.64 24.36 -35.35
C THR D 197 54.22 24.43 -34.81
N HIS D 198 53.80 25.64 -34.42
CA HIS D 198 52.46 25.86 -33.90
C HIS D 198 51.98 27.24 -34.33
N GLN D 199 50.68 27.35 -34.63
CA GLN D 199 50.14 28.61 -35.13
C GLN D 199 50.41 29.76 -34.16
N GLY D 200 50.34 29.49 -32.86
CA GLY D 200 50.63 30.49 -31.84
C GLY D 200 52.05 31.00 -31.81
N LEU D 201 52.93 30.50 -32.70
CA LEU D 201 54.30 30.98 -32.82
C LEU D 201 54.48 31.54 -34.23
N SER D 202 55.04 32.75 -34.32
CA SER D 202 55.33 33.34 -35.64
C SER D 202 56.39 32.55 -36.41
N SER D 203 57.19 31.76 -35.71
CA SER D 203 58.21 30.91 -36.33
C SER D 203 58.53 29.77 -35.38
N PRO D 204 59.02 28.65 -35.89
CA PRO D 204 59.34 27.52 -35.01
C PRO D 204 60.37 27.89 -33.95
N VAL D 205 60.04 27.61 -32.69
CA VAL D 205 60.92 27.86 -31.56
C VAL D 205 61.54 26.53 -31.15
N THR D 206 62.86 26.41 -31.31
CA THR D 206 63.58 25.18 -31.04
C THR D 206 64.34 25.32 -29.73
N LYS D 207 63.92 24.58 -28.72
CA LYS D 207 64.63 24.52 -27.44
C LYS D 207 65.38 23.20 -27.37
N SER D 208 66.66 23.28 -27.02
CA SER D 208 67.56 22.13 -27.13
C SER D 208 68.50 22.11 -25.94
N PHE D 209 69.53 21.26 -26.03
CA PHE D 209 70.57 21.13 -25.02
C PHE D 209 71.68 20.23 -25.57
N ASN D 210 72.92 20.48 -25.13
CA ASN D 210 74.05 19.65 -25.48
C ASN D 210 74.21 18.51 -24.47
N ARG D 211 74.84 17.43 -24.93
CA ARG D 211 75.02 16.24 -24.11
C ARG D 211 75.80 16.53 -22.84
N GLY D 212 75.13 16.44 -21.70
CA GLY D 212 75.75 16.70 -20.41
C GLY D 212 75.56 18.13 -19.95
#